data_4RON
# 
_entry.id   4RON 
# 
_audit_conform.dict_name       mmcif_pdbx.dic 
_audit_conform.dict_version    5.379 
_audit_conform.dict_location   http://mmcif.pdb.org/dictionaries/ascii/mmcif_pdbx.dic 
# 
loop_
_database_2.database_id 
_database_2.database_code 
_database_2.pdbx_database_accession 
_database_2.pdbx_DOI 
PDB   4RON         pdb_00004ron 10.2210/pdb4ron/pdb 
NDB   NA3267       ?            ?                   
RCSB  RCSB087604   ?            ?                   
WWPDB D_1000087604 ?            ?                   
# 
loop_
_pdbx_database_related.db_name 
_pdbx_database_related.db_id 
_pdbx_database_related.details 
_pdbx_database_related.content_type 
PDB 4RNK 'Sequence and structure of a self-assembled 3-D DNA crystal: D(GGAAAATTTGGAG)' unspecified 
PDB 1P1Y 'Crystal structure of a continuous three-dimensional DNA lattice.'             unspecified 
PDB 4RO4 .                                                                              unspecified 
PDB 4RO7 .                                                                              unspecified 
PDB 4RO8 .                                                                              unspecified 
PDB 4ROG .                                                                              unspecified 
PDB 4ROK .                                                                              unspecified 
PDB 4ROO .                                                                              unspecified 
# 
_pdbx_database_status.status_code                     REL 
_pdbx_database_status.entry_id                        4RON 
_pdbx_database_status.recvd_initial_deposition_date   2014-10-28 
_pdbx_database_status.deposit_site                    RCSB 
_pdbx_database_status.process_site                    RCSB 
_pdbx_database_status.status_code_sf                  REL 
_pdbx_database_status.status_code_mr                  ? 
_pdbx_database_status.SG_entry                        ? 
_pdbx_database_status.status_code_cs                  ? 
_pdbx_database_status.methods_development_category    ? 
_pdbx_database_status.pdb_format_compatible           Y 
_pdbx_database_status.status_code_nmr_data            ? 
# 
loop_
_audit_author.name 
_audit_author.pdbx_ordinal 
'Saoji, M.M.'      1 
'Paukstelis, P.J.' 2 
# 
loop_
_citation.id 
_citation.title 
_citation.journal_abbrev 
_citation.journal_volume 
_citation.page_first 
_citation.page_last 
_citation.year 
_citation.journal_id_ASTM 
_citation.country 
_citation.journal_id_ISSN 
_citation.journal_id_CSD 
_citation.book_publisher 
_citation.pdbx_database_id_PubMed 
_citation.pdbx_database_id_DOI 
primary 'Probing the role of sequence in the assembly of three-dimensional DNA crystals.' Biopolymers 103 618  626  2015 BIPMAA US 
0006-3525 0161 ? 26015367 10.1002/bip.22688              
1       'Crystal structure of a continuous three-dimensional DNA lattice.'                Chem.Biol.  11  1119 1126 2004 CBOLE2 UK 
1074-5521 2050 ? 15324813 10.1016/j.chembiol.2004.05.021 
# 
loop_
_citation_author.citation_id 
_citation_author.name 
_citation_author.ordinal 
_citation_author.identifier_ORCID 
primary 'Saoji, M.'        1 ? 
primary 'Zhang, D.'        2 ? 
primary 'Paukstelis, P.J.' 3 ? 
1       'Paukstelis, P.J.' 4 ? 
1       'Nowakowski, J.'   5 ? 
1       'Birktoft, J.J.'   6 ? 
1       'Seeman, N.C.'     7 ? 
# 
_cell.entry_id           4RON 
_cell.length_a           40.719 
_cell.length_b           40.719 
_cell.length_c           51.214 
_cell.angle_alpha        90.00 
_cell.angle_beta         90.00 
_cell.angle_gamma        120.00 
_cell.Z_PDB              6 
_cell.pdbx_unique_axis   ? 
_cell.length_a_esd       ? 
_cell.length_b_esd       ? 
_cell.length_c_esd       ? 
_cell.angle_alpha_esd    ? 
_cell.angle_beta_esd     ? 
_cell.angle_gamma_esd    ? 
# 
_symmetry.entry_id                         4RON 
_symmetry.space_group_name_H-M             'P 64' 
_symmetry.pdbx_full_space_group_name_H-M   ? 
_symmetry.cell_setting                     ? 
_symmetry.Int_Tables_number                172 
_symmetry.space_group_name_Hall            ? 
# 
loop_
_entity.id 
_entity.type 
_entity.src_method 
_entity.pdbx_description 
_entity.formula_weight 
_entity.pdbx_number_of_molecules 
_entity.pdbx_ec 
_entity.pdbx_mutation 
_entity.pdbx_fragment 
_entity.details 
1 polymer     syn 'D(GGACCATGGGGAG)' 4081.660 1 ? ? ? ? 
2 non-polymer syn 'MAGNESIUM ION'    24.305   1 ? ? ? ? 
3 water       nat water              18.015   2 ? ? ? ? 
# 
_entity_poly.entity_id                      1 
_entity_poly.type                           polydeoxyribonucleotide 
_entity_poly.nstd_linkage                   no 
_entity_poly.nstd_monomer                   no 
_entity_poly.pdbx_seq_one_letter_code       '(DG)(DG)(DA)(DC)(DC)(DA)(DT)(DG)(DG)(DG)(DG)(DA)(DG)' 
_entity_poly.pdbx_seq_one_letter_code_can   GGACCATGGGGAG 
_entity_poly.pdbx_strand_id                 A 
_entity_poly.pdbx_target_identifier         ? 
# 
loop_
_entity_poly_seq.entity_id 
_entity_poly_seq.num 
_entity_poly_seq.mon_id 
_entity_poly_seq.hetero 
1 1  DG n 
1 2  DG n 
1 3  DA n 
1 4  DC n 
1 5  DC n 
1 6  DA n 
1 7  DT n 
1 8  DG n 
1 9  DG n 
1 10 DG n 
1 11 DG n 
1 12 DA n 
1 13 DG n 
# 
_pdbx_entity_src_syn.entity_id              1 
_pdbx_entity_src_syn.pdbx_src_id            1 
_pdbx_entity_src_syn.pdbx_alt_source_flag   sample 
_pdbx_entity_src_syn.pdbx_beg_seq_num       ? 
_pdbx_entity_src_syn.pdbx_end_seq_num       ? 
_pdbx_entity_src_syn.organism_scientific    ? 
_pdbx_entity_src_syn.organism_common_name   ? 
_pdbx_entity_src_syn.ncbi_taxonomy_id       ? 
_pdbx_entity_src_syn.details                'DNA molecule synthesized on a DNA synthesizer' 
# 
_struct_ref.id                         1 
_struct_ref.db_name                    PDB 
_struct_ref.db_code                    4RON 
_struct_ref.pdbx_db_accession          4RON 
_struct_ref.entity_id                  1 
_struct_ref.pdbx_align_begin           ? 
_struct_ref.pdbx_seq_one_letter_code   GGACCATGGGGAG 
_struct_ref.pdbx_db_isoform            ? 
# 
_struct_ref_seq.align_id                      1 
_struct_ref_seq.ref_id                        1 
_struct_ref_seq.pdbx_PDB_id_code              4RON 
_struct_ref_seq.pdbx_strand_id                A 
_struct_ref_seq.seq_align_beg                 1 
_struct_ref_seq.pdbx_seq_align_beg_ins_code   ? 
_struct_ref_seq.seq_align_end                 13 
_struct_ref_seq.pdbx_seq_align_end_ins_code   ? 
_struct_ref_seq.pdbx_db_accession             4RON 
_struct_ref_seq.db_align_beg                  1 
_struct_ref_seq.pdbx_db_align_beg_ins_code    ? 
_struct_ref_seq.db_align_end                  13 
_struct_ref_seq.pdbx_db_align_end_ins_code    ? 
_struct_ref_seq.pdbx_auth_seq_align_beg       1 
_struct_ref_seq.pdbx_auth_seq_align_end       13 
# 
loop_
_chem_comp.id 
_chem_comp.type 
_chem_comp.mon_nstd_flag 
_chem_comp.name 
_chem_comp.pdbx_synonyms 
_chem_comp.formula 
_chem_comp.formula_weight 
DA  'DNA linking' y "2'-DEOXYADENOSINE-5'-MONOPHOSPHATE" ? 'C10 H14 N5 O6 P' 331.222 
DC  'DNA linking' y "2'-DEOXYCYTIDINE-5'-MONOPHOSPHATE"  ? 'C9 H14 N3 O7 P'  307.197 
DG  'DNA linking' y "2'-DEOXYGUANOSINE-5'-MONOPHOSPHATE" ? 'C10 H14 N5 O7 P' 347.221 
DT  'DNA linking' y "THYMIDINE-5'-MONOPHOSPHATE"         ? 'C10 H15 N2 O8 P' 322.208 
HOH non-polymer   . WATER                                ? 'H2 O'            18.015  
MG  non-polymer   . 'MAGNESIUM ION'                      ? 'Mg 2'            24.305  
# 
_exptl.entry_id          4RON 
_exptl.method            'X-RAY DIFFRACTION' 
_exptl.crystals_number   1 
# 
_exptl_crystal.id                    1 
_exptl_crystal.density_meas          ? 
_exptl_crystal.density_Matthews      3.00 
_exptl_crystal.density_percent_sol   59.04 
_exptl_crystal.description           ? 
_exptl_crystal.F_000                 ? 
_exptl_crystal.preparation           ? 
# 
_exptl_crystal_grow.crystal_id      1 
_exptl_crystal_grow.method          EVAPORATION 
_exptl_crystal_grow.temp            298 
_exptl_crystal_grow.temp_details    ? 
_exptl_crystal_grow.pH              ? 
_exptl_crystal_grow.pdbx_details    
'120mM Magnesium Formate, 50mM Lithium Chloride, 10% MPD, pH none, EVAPORATION, temperature 298K' 
_exptl_crystal_grow.pdbx_pH_range   none 
# 
_diffrn.id                     1 
_diffrn.ambient_temp           100 
_diffrn.ambient_temp_details   ? 
_diffrn.crystal_id             1 
# 
_diffrn_detector.diffrn_id              1 
_diffrn_detector.detector               PIXEL 
_diffrn_detector.type                   'DECTRIS PILATUS 6M-F' 
_diffrn_detector.pdbx_collection_date   2014-06-29 
_diffrn_detector.details                ? 
# 
_diffrn_radiation.diffrn_id                        1 
_diffrn_radiation.wavelength_id                    1 
_diffrn_radiation.pdbx_monochromatic_or_laue_m_l   M 
_diffrn_radiation.monochromator                    'Si(111)' 
_diffrn_radiation.pdbx_diffrn_protocol             'SINGLE WAVELENGTH' 
_diffrn_radiation.pdbx_scattering_type             x-ray 
# 
_diffrn_radiation_wavelength.id           1 
_diffrn_radiation_wavelength.wavelength   0.979200 
_diffrn_radiation_wavelength.wt           1.0 
# 
_diffrn_source.diffrn_id                   1 
_diffrn_source.source                      SYNCHROTRON 
_diffrn_source.type                        'APS BEAMLINE 24-ID-C' 
_diffrn_source.pdbx_synchrotron_site       APS 
_diffrn_source.pdbx_synchrotron_beamline   24-ID-C 
_diffrn_source.pdbx_wavelength             ? 
_diffrn_source.pdbx_wavelength_list        0.979200 
# 
_reflns.entry_id                     4RON 
_reflns.observed_criterion_sigma_I   0 
_reflns.observed_criterion_sigma_F   0 
_reflns.d_resolution_low             51.21 
_reflns.d_resolution_high            2.39 
_reflns.number_obs                   1953 
_reflns.number_all                   ? 
_reflns.percent_possible_obs         ? 
_reflns.pdbx_Rmerge_I_obs            0.030 
_reflns.pdbx_Rsym_value              ? 
_reflns.pdbx_netI_over_sigmaI        27.1 
_reflns.B_iso_Wilson_estimate        ? 
_reflns.pdbx_redundancy              5 
_reflns.R_free_details               ? 
_reflns.limit_h_max                  ? 
_reflns.limit_h_min                  ? 
_reflns.limit_k_max                  ? 
_reflns.limit_k_min                  ? 
_reflns.limit_l_max                  ? 
_reflns.limit_l_min                  ? 
_reflns.observed_criterion_F_max     ? 
_reflns.observed_criterion_F_min     ? 
_reflns.pdbx_chi_squared             ? 
_reflns.pdbx_scaling_rejects         ? 
_reflns.pdbx_ordinal                 1 
_reflns.pdbx_diffrn_id               1 
# 
_reflns_shell.d_res_high             2.39 
_reflns_shell.d_res_low              2.52 
_reflns_shell.percent_possible_all   ? 
_reflns_shell.Rmerge_I_obs           0.747 
_reflns_shell.pdbx_Rsym_value        ? 
_reflns_shell.meanI_over_sigI_obs    1.8 
_reflns_shell.pdbx_redundancy        5.1 
_reflns_shell.percent_possible_obs   ? 
_reflns_shell.number_unique_all      289 
_reflns_shell.number_measured_all    ? 
_reflns_shell.number_measured_obs    ? 
_reflns_shell.number_unique_obs      ? 
_reflns_shell.pdbx_chi_squared       ? 
_reflns_shell.pdbx_ordinal           1 
_reflns_shell.pdbx_diffrn_id         1 
# 
_refine.entry_id                                 4RON 
_refine.ls_number_reflns_obs                     1743 
_refine.ls_number_reflns_all                     ? 
_refine.pdbx_ls_sigma_I                          ? 
_refine.pdbx_ls_sigma_F                          . 
_refine.pdbx_data_cutoff_high_absF               ? 
_refine.pdbx_data_cutoff_low_absF                ? 
_refine.pdbx_data_cutoff_high_rms_absF           ? 
_refine.ls_d_res_low                             35.26 
_refine.ls_d_res_high                            2.39 
_refine.ls_percent_reflns_obs                    98.82 
_refine.ls_R_factor_obs                          0.21499 
_refine.ls_R_factor_all                          ? 
_refine.ls_R_factor_R_work                       0.21082 
_refine.ls_R_factor_R_free                       0.25245 
_refine.ls_R_factor_R_free_error                 ? 
_refine.ls_R_factor_R_free_error_details         ? 
_refine.ls_percent_reflns_R_free                 9.5 
_refine.ls_number_reflns_R_free                  183 
_refine.ls_number_parameters                     ? 
_refine.ls_number_restraints                     ? 
_refine.occupancy_min                            ? 
_refine.occupancy_max                            ? 
_refine.correlation_coeff_Fo_to_Fc               0.969 
_refine.correlation_coeff_Fo_to_Fc_free          0.960 
_refine.B_iso_mean                               83.722 
_refine.aniso_B[1][1]                            -0.10 
_refine.aniso_B[2][2]                            -0.10 
_refine.aniso_B[3][3]                            0.33 
_refine.aniso_B[1][2]                            -0.05 
_refine.aniso_B[1][3]                            -0.00 
_refine.aniso_B[2][3]                            0.00 
_refine.solvent_model_details                    MASK 
_refine.solvent_model_param_ksol                 ? 
_refine.solvent_model_param_bsol                 ? 
_refine.pdbx_solvent_vdw_probe_radii             1.10 
_refine.pdbx_solvent_ion_probe_radii             0.90 
_refine.pdbx_solvent_shrinkage_radii             0.90 
_refine.pdbx_ls_cross_valid_method               THROUGHOUT 
_refine.details                                  'HYDROGENS HAVE BEEN ADDED IN THE RIDING POSITIONS' 
_refine.pdbx_starting_model                      'PDB ENTRY 1p1y' 
_refine.pdbx_method_to_determine_struct          'MOLECULAR REPLACEMENT' 
_refine.pdbx_isotropic_thermal_model             ? 
_refine.pdbx_stereochemistry_target_values       'MAXIMUM LIKELIHOOD' 
_refine.pdbx_stereochem_target_val_spec_case     ? 
_refine.pdbx_R_Free_selection_details            RANDOM 
_refine.pdbx_overall_ESU_R                       0.314 
_refine.pdbx_overall_ESU_R_Free                  0.240 
_refine.overall_SU_ML                            0.227 
_refine.pdbx_overall_phase_error                 ? 
_refine.overall_SU_B                             28.050 
_refine.overall_SU_R_Cruickshank_DPI             ? 
_refine.ls_redundancy_reflns_obs                 ? 
_refine.B_iso_min                                ? 
_refine.B_iso_max                                ? 
_refine.overall_SU_R_free                        ? 
_refine.ls_wR_factor_R_free                      ? 
_refine.ls_wR_factor_R_work                      ? 
_refine.overall_FOM_free_R_set                   ? 
_refine.overall_FOM_work_R_set                   ? 
_refine.pdbx_diffrn_id                           1 
_refine.pdbx_refine_id                           'X-RAY DIFFRACTION' 
_refine.pdbx_TLS_residual_ADP_flag               ? 
_refine.pdbx_overall_SU_R_free_Cruickshank_DPI   ? 
_refine.pdbx_overall_SU_R_Blow_DPI               ? 
_refine.pdbx_overall_SU_R_free_Blow_DPI          ? 
# 
_refine_hist.pdbx_refine_id                   'X-RAY DIFFRACTION' 
_refine_hist.cycle_id                         LAST 
_refine_hist.pdbx_number_atoms_protein        0 
_refine_hist.pdbx_number_atoms_nucleic_acid   254 
_refine_hist.pdbx_number_atoms_ligand         1 
_refine_hist.number_atoms_solvent             2 
_refine_hist.number_atoms_total               257 
_refine_hist.d_res_high                       2.39 
_refine_hist.d_res_low                        35.26 
# 
loop_
_refine_ls_restr.type 
_refine_ls_restr.dev_ideal 
_refine_ls_restr.dev_ideal_target 
_refine_ls_restr.weight 
_refine_ls_restr.number 
_refine_ls_restr.pdbx_restraint_function 
_refine_ls_restr.pdbx_refine_id 
r_bond_refined_d             0.010 0.011  ? 286 ? 'X-RAY DIFFRACTION' 
r_bond_other_d               0.002 0.020  ? 134 ? 'X-RAY DIFFRACTION' 
r_angle_refined_deg          1.327 1.150  ? 442 ? 'X-RAY DIFFRACTION' 
r_angle_other_deg            1.707 3.000  ? 316 ? 'X-RAY DIFFRACTION' 
r_dihedral_angle_1_deg       ?     ?      ? ?   ? 'X-RAY DIFFRACTION' 
r_dihedral_angle_2_deg       ?     ?      ? ?   ? 'X-RAY DIFFRACTION' 
r_dihedral_angle_3_deg       ?     ?      ? ?   ? 'X-RAY DIFFRACTION' 
r_dihedral_angle_4_deg       ?     ?      ? ?   ? 'X-RAY DIFFRACTION' 
r_chiral_restr               0.095 0.200  ? 36  ? 'X-RAY DIFFRACTION' 
r_gen_planes_refined         0.013 0.020  ? 153 ? 'X-RAY DIFFRACTION' 
r_gen_planes_other           0.002 0.020  ? 66  ? 'X-RAY DIFFRACTION' 
r_nbd_refined                ?     ?      ? ?   ? 'X-RAY DIFFRACTION' 
r_nbd_other                  ?     ?      ? ?   ? 'X-RAY DIFFRACTION' 
r_nbtor_refined              ?     ?      ? ?   ? 'X-RAY DIFFRACTION' 
r_nbtor_other                ?     ?      ? ?   ? 'X-RAY DIFFRACTION' 
r_xyhbond_nbd_refined        ?     ?      ? ?   ? 'X-RAY DIFFRACTION' 
r_xyhbond_nbd_other          ?     ?      ? ?   ? 'X-RAY DIFFRACTION' 
r_metal_ion_refined          ?     ?      ? ?   ? 'X-RAY DIFFRACTION' 
r_metal_ion_other            ?     ?      ? ?   ? 'X-RAY DIFFRACTION' 
r_symmetry_vdw_refined       ?     ?      ? ?   ? 'X-RAY DIFFRACTION' 
r_symmetry_vdw_other         ?     ?      ? ?   ? 'X-RAY DIFFRACTION' 
r_symmetry_hbond_refined     ?     ?      ? ?   ? 'X-RAY DIFFRACTION' 
r_symmetry_hbond_other       ?     ?      ? ?   ? 'X-RAY DIFFRACTION' 
r_symmetry_metal_ion_refined ?     ?      ? ?   ? 'X-RAY DIFFRACTION' 
r_symmetry_metal_ion_other   ?     ?      ? ?   ? 'X-RAY DIFFRACTION' 
r_mcbond_it                  ?     ?      ? ?   ? 'X-RAY DIFFRACTION' 
r_mcbond_other               ?     ?      ? ?   ? 'X-RAY DIFFRACTION' 
r_mcangle_it                 ?     ?      ? ?   ? 'X-RAY DIFFRACTION' 
r_mcangle_other              ?     ?      ? ?   ? 'X-RAY DIFFRACTION' 
r_scbond_it                  3.349 5.460  ? 285 ? 'X-RAY DIFFRACTION' 
r_scbond_other               3.347 5.434  ? 283 ? 'X-RAY DIFFRACTION' 
r_scangle_it                 ?     ?      ? ?   ? 'X-RAY DIFFRACTION' 
r_scangle_other              5.768 8.207  ? 440 ? 'X-RAY DIFFRACTION' 
r_long_range_B_refined       7.514 51.984 ? 419 ? 'X-RAY DIFFRACTION' 
r_long_range_B_other         7.467 51.749 ? 418 ? 'X-RAY DIFFRACTION' 
r_rigid_bond_restr           ?     ?      ? ?   ? 'X-RAY DIFFRACTION' 
r_sphericity_free            ?     ?      ? ?   ? 'X-RAY DIFFRACTION' 
r_sphericity_bonded          ?     ?      ? ?   ? 'X-RAY DIFFRACTION' 
# 
_refine_ls_shell.pdbx_total_number_of_bins_used   20 
_refine_ls_shell.d_res_high                       2.390 
_refine_ls_shell.d_res_low                        2.452 
_refine_ls_shell.number_reflns_R_work             128 
_refine_ls_shell.R_factor_R_work                  0.527 
_refine_ls_shell.percent_reflns_obs               100.00 
_refine_ls_shell.R_factor_R_free                  0.642 
_refine_ls_shell.R_factor_R_free_error            ? 
_refine_ls_shell.percent_reflns_R_free            ? 
_refine_ls_shell.number_reflns_R_free             11 
_refine_ls_shell.number_reflns_all                ? 
_refine_ls_shell.R_factor_all                     ? 
_refine_ls_shell.number_reflns_obs                ? 
_refine_ls_shell.redundancy_reflns_obs            ? 
_refine_ls_shell.pdbx_refine_id                   'X-RAY DIFFRACTION' 
# 
_struct.entry_id                  4RON 
_struct.title                     'Sequence and structure of a self-assembled 3-D DNA crystal: D(GGACCATGGGGAG)' 
_struct.pdbx_model_details        ? 
_struct.pdbx_CASP_flag            ? 
_struct.pdbx_model_type_details   ? 
# 
_struct_keywords.entry_id        4RON 
_struct_keywords.pdbx_keywords   DNA 
_struct_keywords.text            'Self-assembling 3D DNA crystal, DNA' 
# 
loop_
_struct_asym.id 
_struct_asym.pdbx_blank_PDB_chainid_flag 
_struct_asym.pdbx_modified 
_struct_asym.entity_id 
_struct_asym.details 
A N N 1 ? 
B N N 2 ? 
C N N 3 ? 
# 
_struct_biol.id        1 
_struct_biol.details   ? 
# 
loop_
_struct_conn.id 
_struct_conn.conn_type_id 
_struct_conn.pdbx_leaving_atom_flag 
_struct_conn.pdbx_PDB_id 
_struct_conn.ptnr1_label_asym_id 
_struct_conn.ptnr1_label_comp_id 
_struct_conn.ptnr1_label_seq_id 
_struct_conn.ptnr1_label_atom_id 
_struct_conn.pdbx_ptnr1_label_alt_id 
_struct_conn.pdbx_ptnr1_PDB_ins_code 
_struct_conn.pdbx_ptnr1_standard_comp_id 
_struct_conn.ptnr1_symmetry 
_struct_conn.ptnr2_label_asym_id 
_struct_conn.ptnr2_label_comp_id 
_struct_conn.ptnr2_label_seq_id 
_struct_conn.ptnr2_label_atom_id 
_struct_conn.pdbx_ptnr2_label_alt_id 
_struct_conn.pdbx_ptnr2_PDB_ins_code 
_struct_conn.ptnr1_auth_asym_id 
_struct_conn.ptnr1_auth_comp_id 
_struct_conn.ptnr1_auth_seq_id 
_struct_conn.ptnr2_auth_asym_id 
_struct_conn.ptnr2_auth_comp_id 
_struct_conn.ptnr2_auth_seq_id 
_struct_conn.ptnr2_symmetry 
_struct_conn.pdbx_ptnr3_label_atom_id 
_struct_conn.pdbx_ptnr3_label_seq_id 
_struct_conn.pdbx_ptnr3_label_comp_id 
_struct_conn.pdbx_ptnr3_label_asym_id 
_struct_conn.pdbx_ptnr3_label_alt_id 
_struct_conn.pdbx_ptnr3_PDB_ins_code 
_struct_conn.details 
_struct_conn.pdbx_dist_value 
_struct_conn.pdbx_value_order 
_struct_conn.pdbx_role 
metalc1  metalc ? ? B MG . MG ? ? ? 1_555 C HOH . O  ? ? A MG 101 A HOH 201 1_555 ? ? ? ? ? ? ?            2.320 ? ? 
metalc2  metalc ? ? B MG . MG ? ? ? 1_555 C HOH . O  ? ? A MG 101 A HOH 202 1_555 ? ? ? ? ? ? ?            1.768 ? ? 
hydrog1  hydrog ? ? A DC 4 N3 ? ? ? 1_555 A DG  9 N1 ? ? A DC 4   A DG  9   4_545 ? ? ? ? ? ? WATSON-CRICK ?     ? ? 
hydrog2  hydrog ? ? A DC 4 N4 ? ? ? 1_555 A DG  9 O6 ? ? A DC 4   A DG  9   4_545 ? ? ? ? ? ? WATSON-CRICK ?     ? ? 
hydrog3  hydrog ? ? A DC 4 O2 ? ? ? 1_555 A DG  9 N2 ? ? A DC 4   A DG  9   4_545 ? ? ? ? ? ? WATSON-CRICK ?     ? ? 
hydrog4  hydrog ? ? A DC 5 N3 ? ? ? 1_555 A DG  8 N1 ? ? A DC 5   A DG  8   4_545 ? ? ? ? ? ? WATSON-CRICK ?     ? ? 
hydrog5  hydrog ? ? A DC 5 N4 ? ? ? 1_555 A DG  8 O6 ? ? A DC 5   A DG  8   4_545 ? ? ? ? ? ? WATSON-CRICK ?     ? ? 
hydrog6  hydrog ? ? A DC 5 O2 ? ? ? 1_555 A DG  8 N2 ? ? A DC 5   A DG  8   4_545 ? ? ? ? ? ? WATSON-CRICK ?     ? ? 
hydrog7  hydrog ? ? A DA 6 N1 ? ? ? 1_555 A DT  7 N3 ? ? A DA 6   A DT  7   4_545 ? ? ? ? ? ? WATSON-CRICK ?     ? ? 
hydrog8  hydrog ? ? A DA 6 N6 ? ? ? 1_555 A DT  7 O4 ? ? A DA 6   A DT  7   4_545 ? ? ? ? ? ? WATSON-CRICK ?     ? ? 
hydrog9  hydrog ? ? A DT 7 N3 ? ? ? 1_555 A DA  6 N1 ? ? A DT 7   A DA  6   4_545 ? ? ? ? ? ? WATSON-CRICK ?     ? ? 
hydrog10 hydrog ? ? A DT 7 O4 ? ? ? 1_555 A DA  6 N6 ? ? A DT 7   A DA  6   4_545 ? ? ? ? ? ? WATSON-CRICK ?     ? ? 
hydrog11 hydrog ? ? A DG 8 N1 ? ? ? 1_555 A DC  5 N3 ? ? A DG 8   A DC  5   4_545 ? ? ? ? ? ? WATSON-CRICK ?     ? ? 
hydrog12 hydrog ? ? A DG 8 N2 ? ? ? 1_555 A DC  5 O2 ? ? A DG 8   A DC  5   4_545 ? ? ? ? ? ? WATSON-CRICK ?     ? ? 
hydrog13 hydrog ? ? A DG 8 O6 ? ? ? 1_555 A DC  5 N4 ? ? A DG 8   A DC  5   4_545 ? ? ? ? ? ? WATSON-CRICK ?     ? ? 
hydrog14 hydrog ? ? A DG 9 N1 ? ? ? 1_555 A DC  4 N3 ? ? A DG 9   A DC  4   4_545 ? ? ? ? ? ? WATSON-CRICK ?     ? ? 
hydrog15 hydrog ? ? A DG 9 N2 ? ? ? 1_555 A DC  4 O2 ? ? A DG 9   A DC  4   4_545 ? ? ? ? ? ? WATSON-CRICK ?     ? ? 
hydrog16 hydrog ? ? A DG 9 O6 ? ? ? 1_555 A DC  4 N4 ? ? A DG 9   A DC  4   4_545 ? ? ? ? ? ? WATSON-CRICK ?     ? ? 
# 
loop_
_struct_conn_type.id 
_struct_conn_type.criteria 
_struct_conn_type.reference 
metalc ? ? 
hydrog ? ? 
# 
_struct_site.id                   AC1 
_struct_site.pdbx_evidence_code   Software 
_struct_site.pdbx_auth_asym_id    A 
_struct_site.pdbx_auth_comp_id    MG 
_struct_site.pdbx_auth_seq_id     101 
_struct_site.pdbx_auth_ins_code   ? 
_struct_site.pdbx_num_residues    3 
_struct_site.details              'BINDING SITE FOR RESIDUE MG A 101' 
# 
loop_
_struct_site_gen.id 
_struct_site_gen.site_id 
_struct_site_gen.pdbx_num_res 
_struct_site_gen.label_comp_id 
_struct_site_gen.label_asym_id 
_struct_site_gen.label_seq_id 
_struct_site_gen.pdbx_auth_ins_code 
_struct_site_gen.auth_comp_id 
_struct_site_gen.auth_asym_id 
_struct_site_gen.auth_seq_id 
_struct_site_gen.label_atom_id 
_struct_site_gen.label_alt_id 
_struct_site_gen.symmetry 
_struct_site_gen.details 
1 AC1 3 DA  A 12 ? DA  A 12  . ? 2_545 ? 
2 AC1 3 HOH C .  ? HOH A 201 . ? 1_555 ? 
3 AC1 3 HOH C .  ? HOH A 202 . ? 1_555 ? 
# 
_atom_sites.entry_id                    4RON 
_atom_sites.fract_transf_matrix[1][1]   0.01104832 
_atom_sites.fract_transf_matrix[1][2]   0.02133582 
_atom_sites.fract_transf_matrix[1][3]   0.01506340 
_atom_sites.fract_transf_matrix[2][1]   0.00854888 
_atom_sites.fract_transf_matrix[2][2]   0.02365964 
_atom_sites.fract_transf_matrix[2][3]   -0.01308871 
_atom_sites.fract_transf_matrix[3][1]   -0.01782161 
_atom_sites.fract_transf_matrix[3][2]   0.00766477 
_atom_sites.fract_transf_matrix[3][3]   0.00221495 
_atom_sites.fract_transf_vector[1]      0.067977 
_atom_sites.fract_transf_vector[2]      -0.418273 
_atom_sites.fract_transf_vector[3]      -0.234121 
# 
loop_
_atom_type.symbol 
C  
MG 
N  
O  
P  
# 
loop_
_atom_site.group_PDB 
_atom_site.id 
_atom_site.type_symbol 
_atom_site.label_atom_id 
_atom_site.label_alt_id 
_atom_site.label_comp_id 
_atom_site.label_asym_id 
_atom_site.label_entity_id 
_atom_site.label_seq_id 
_atom_site.pdbx_PDB_ins_code 
_atom_site.Cartn_x 
_atom_site.Cartn_y 
_atom_site.Cartn_z 
_atom_site.occupancy 
_atom_site.B_iso_or_equiv 
_atom_site.pdbx_formal_charge 
_atom_site.auth_seq_id 
_atom_site.auth_comp_id 
_atom_site.auth_asym_id 
_atom_site.auth_atom_id 
_atom_site.pdbx_PDB_model_num 
ATOM   1   O  "O5'" . DG  A 1 1  ? -22.597 -2.671  -3.537 1.00 97.76  ? 1   DG  A "O5'" 1 
ATOM   2   C  "C5'" . DG  A 1 1  ? -22.494 -3.897  -4.289 1.00 95.66  ? 1   DG  A "C5'" 1 
ATOM   3   C  "C4'" . DG  A 1 1  ? -21.153 -4.554  -4.064 1.00 91.40  ? 1   DG  A "C4'" 1 
ATOM   4   O  "O4'" . DG  A 1 1  ? -20.159 -3.880  -4.873 1.00 88.21  ? 1   DG  A "O4'" 1 
ATOM   5   C  "C3'" . DG  A 1 1  ? -20.662 -4.463  -2.623 1.00 86.91  ? 1   DG  A "C3'" 1 
ATOM   6   O  "O3'" . DG  A 1 1  ? -20.015 -5.659  -2.194 1.00 88.96  ? 1   DG  A "O3'" 1 
ATOM   7   C  "C2'" . DG  A 1 1  ? -19.727 -3.277  -2.660 1.00 82.99  ? 1   DG  A "C2'" 1 
ATOM   8   C  "C1'" . DG  A 1 1  ? -19.136 -3.365  -4.050 1.00 81.47  ? 1   DG  A "C1'" 1 
ATOM   9   N  N9    . DG  A 1 1  ? -18.708 -2.087  -4.603 1.00 77.22  ? 1   DG  A N9    1 
ATOM   10  C  C8    . DG  A 1 1  ? -17.433 -1.754  -4.975 1.00 75.13  ? 1   DG  A C8    1 
ATOM   11  N  N7    . DG  A 1 1  ? -17.334 -0.535  -5.430 1.00 73.86  ? 1   DG  A N7    1 
ATOM   12  C  C5    . DG  A 1 1  ? -18.618 -0.022  -5.323 1.00 75.76  ? 1   DG  A C5    1 
ATOM   13  C  C6    . DG  A 1 1  ? -19.128 1.261   -5.653 1.00 77.47  ? 1   DG  A C6    1 
ATOM   14  O  O6    . DG  A 1 1  ? -18.530 2.234   -6.124 1.00 83.71  ? 1   DG  A O6    1 
ATOM   15  N  N1    . DG  A 1 1  ? -20.487 1.346   -5.404 1.00 78.82  ? 1   DG  A N1    1 
ATOM   16  C  C2    . DG  A 1 1  ? -21.258 0.338   -4.893 1.00 81.45  ? 1   DG  A C2    1 
ATOM   17  N  N2    . DG  A 1 1  ? -22.552 0.620   -4.717 1.00 87.01  ? 1   DG  A N2    1 
ATOM   18  N  N3    . DG  A 1 1  ? -20.797 -0.857  -4.572 1.00 80.21  ? 1   DG  A N3    1 
ATOM   19  C  C4    . DG  A 1 1  ? -19.477 -0.966  -4.808 1.00 76.69  ? 1   DG  A C4    1 
ATOM   20  P  P     . DG  A 1 2  ? -19.576 -5.811  -0.659 1.00 90.76  ? 2   DG  A P     1 
ATOM   21  O  OP1   . DG  A 1 2  ? -19.215 -7.229  -0.411 1.00 93.73  ? 2   DG  A OP1   1 
ATOM   22  O  OP2   . DG  A 1 2  ? -20.594 -5.154  0.184  1.00 90.64  ? 2   DG  A OP2   1 
ATOM   23  O  "O5'" . DG  A 1 2  ? -18.241 -4.937  -0.559 1.00 86.27  ? 2   DG  A "O5'" 1 
ATOM   24  C  "C5'" . DG  A 1 2  ? -17.026 -5.280  -1.269 1.00 80.33  ? 2   DG  A "C5'" 1 
ATOM   25  C  "C4'" . DG  A 1 2  ? -15.955 -4.242  -1.040 1.00 74.87  ? 2   DG  A "C4'" 1 
ATOM   26  O  "O4'" . DG  A 1 2  ? -16.322 -3.000  -1.678 1.00 71.48  ? 2   DG  A "O4'" 1 
ATOM   27  C  "C3'" . DG  A 1 2  ? -15.699 -3.899  0.430  1.00 72.77  ? 2   DG  A "C3'" 1 
ATOM   28  O  "O3'" . DG  A 1 2  ? -14.298 -3.710  0.628  1.00 72.84  ? 2   DG  A "O3'" 1 
ATOM   29  C  "C2'" . DG  A 1 2  ? -16.426 -2.585  0.612  1.00 69.53  ? 2   DG  A "C2'" 1 
ATOM   30  C  "C1'" . DG  A 1 2  ? -16.213 -1.949  -0.740 1.00 68.04  ? 2   DG  A "C1'" 1 
ATOM   31  N  N9    . DG  A 1 2  ? -17.184 -0.928  -1.093 1.00 65.40  ? 2   DG  A N9    1 
ATOM   32  C  C8    . DG  A 1 2  ? -18.480 -0.837  -0.660 1.00 65.51  ? 2   DG  A C8    1 
ATOM   33  N  N7    . DG  A 1 2  ? -19.099 0.212   -1.119 1.00 66.03  ? 2   DG  A N7    1 
ATOM   34  C  C5    . DG  A 1 2  ? -18.154 0.850   -1.904 1.00 64.44  ? 2   DG  A C5    1 
ATOM   35  C  C6    . DG  A 1 2  ? -18.252 2.034   -2.667 1.00 67.18  ? 2   DG  A C6    1 
ATOM   36  O  O6    . DG  A 1 2  ? -19.222 2.780   -2.808 1.00 75.18  ? 2   DG  A O6    1 
ATOM   37  N  N1    . DG  A 1 2  ? -17.051 2.337   -3.296 1.00 66.92  ? 2   DG  A N1    1 
ATOM   38  C  C2    . DG  A 1 2  ? -15.907 1.593   -3.199 1.00 63.94  ? 2   DG  A C2    1 
ATOM   39  N  N2    . DG  A 1 2  ? -14.863 2.043   -3.889 1.00 66.14  ? 2   DG  A N2    1 
ATOM   40  N  N3    . DG  A 1 2  ? -15.810 0.472   -2.512 1.00 62.54  ? 2   DG  A N3    1 
ATOM   41  C  C4    . DG  A 1 2  ? -16.966 0.162   -1.894 1.00 63.25  ? 2   DG  A C4    1 
ATOM   42  P  P     . DA  A 1 3  ? -13.513 -4.546  1.696  1.00 73.86  ? 3   DA  A P     1 
ATOM   43  O  OP1   . DA  A 1 3  ? -14.227 -5.801  1.915  1.00 79.31  ? 3   DA  A OP1   1 
ATOM   44  O  OP2   . DA  A 1 3  ? -13.232 -3.654  2.859  1.00 78.99  ? 3   DA  A OP2   1 
ATOM   45  O  "O5'" . DA  A 1 3  ? -12.167 -4.923  0.947  1.00 74.79  ? 3   DA  A "O5'" 1 
ATOM   46  C  "C5'" . DA  A 1 3  ? -11.987 -4.710  -0.464 1.00 76.04  ? 3   DA  A "C5'" 1 
ATOM   47  C  "C4'" . DA  A 1 3  ? -10.525 -4.664  -0.861 1.00 75.06  ? 3   DA  A "C4'" 1 
ATOM   48  O  "O4'" . DA  A 1 3  ? -10.225 -3.340  -1.345 1.00 72.06  ? 3   DA  A "O4'" 1 
ATOM   49  C  "C3'" . DA  A 1 3  ? -9.505  -4.895  0.244  1.00 76.56  ? 3   DA  A "C3'" 1 
ATOM   50  O  "O3'" . DA  A 1 3  ? -8.173  -5.218  -0.243 1.00 85.30  ? 3   DA  A "O3'" 1 
ATOM   51  C  "C2'" . DA  A 1 3  ? -9.462  -3.518  0.875  1.00 72.35  ? 3   DA  A "C2'" 1 
ATOM   52  C  "C1'" . DA  A 1 3  ? -9.549  -2.602  -0.338 1.00 67.50  ? 3   DA  A "C1'" 1 
ATOM   53  N  N9    . DA  A 1 3  ? -10.263 -1.341  -0.174 1.00 61.06  ? 3   DA  A N9    1 
ATOM   54  C  C8    . DA  A 1 3  ? -11.608 -1.185  0.003  1.00 59.89  ? 3   DA  A C8    1 
ATOM   55  N  N7    . DA  A 1 3  ? -11.990 0.064   0.060  1.00 60.09  ? 3   DA  A N7    1 
ATOM   56  C  C5    . DA  A 1 3  ? -10.822 0.781   -0.140 1.00 56.23  ? 3   DA  A C5    1 
ATOM   57  C  C6    . DA  A 1 3  ? -10.557 2.163   -0.215 1.00 55.69  ? 3   DA  A C6    1 
ATOM   58  N  N6    . DA  A 1 3  ? -11.486 3.107   -0.069 1.00 57.58  ? 3   DA  A N6    1 
ATOM   59  N  N1    . DA  A 1 3  ? -9.283  2.547   -0.426 1.00 56.33  ? 3   DA  A N1    1 
ATOM   60  C  C2    . DA  A 1 3  ? -8.348  1.602   -0.550 1.00 56.67  ? 3   DA  A C2    1 
ATOM   61  N  N3    . DA  A 1 3  ? -8.474  0.275   -0.500 1.00 57.45  ? 3   DA  A N3    1 
ATOM   62  C  C4    . DA  A 1 3  ? -9.752  -0.072  -0.293 1.00 57.33  ? 3   DA  A C4    1 
ATOM   63  P  P     . DC  A 1 4  ? -7.672  -6.762  -0.563 1.00 90.87  ? 4   DC  A P     1 
ATOM   64  O  OP1   . DC  A 1 4  ? -6.429  -6.676  -1.360 1.00 92.30  ? 4   DC  A OP1   1 
ATOM   65  O  OP2   . DC  A 1 4  ? -8.812  -7.520  -1.143 1.00 93.96  ? 4   DC  A OP2   1 
ATOM   66  O  "O5'" . DC  A 1 4  ? -7.274  -7.339  0.874  1.00 89.81  ? 4   DC  A "O5'" 1 
ATOM   67  C  "C5'" . DC  A 1 4  ? -8.115  -8.318  1.528  1.00 91.51  ? 4   DC  A "C5'" 1 
ATOM   68  C  "C4'" . DC  A 1 4  ? -7.394  -9.049  2.638  1.00 92.31  ? 4   DC  A "C4'" 1 
ATOM   69  O  "O4'" . DC  A 1 4  ? -6.665  -10.174 2.094  1.00 92.47  ? 4   DC  A "O4'" 1 
ATOM   70  C  "C3'" . DC  A 1 4  ? -6.377  -8.222  3.416  1.00 89.91  ? 4   DC  A "C3'" 1 
ATOM   71  O  "O3'" . DC  A 1 4  ? -6.315  -8.616  4.790  1.00 98.28  ? 4   DC  A "O3'" 1 
ATOM   72  C  "C2'" . DC  A 1 4  ? -5.074  -8.564  2.730  1.00 87.06  ? 4   DC  A "C2'" 1 
ATOM   73  C  "C1'" . DC  A 1 4  ? -5.270  -9.993  2.269  1.00 87.07  ? 4   DC  A "C1'" 1 
ATOM   74  N  N1    . DC  A 1 4  ? -4.608  -10.269 0.985  1.00 81.45  ? 4   DC  A N1    1 
ATOM   75  C  C2    . DC  A 1 4  ? -3.380  -10.931 0.984  1.00 78.87  ? 4   DC  A C2    1 
ATOM   76  O  O2    . DC  A 1 4  ? -2.903  -11.313 2.062  1.00 79.01  ? 4   DC  A O2    1 
ATOM   77  N  N3    . DC  A 1 4  ? -2.756  -11.161 -0.192 1.00 78.15  ? 4   DC  A N3    1 
ATOM   78  C  C4    . DC  A 1 4  ? -3.321  -10.770 -1.335 1.00 77.34  ? 4   DC  A C4    1 
ATOM   79  N  N4    . DC  A 1 4  ? -2.678  -11.029 -2.471 1.00 80.41  ? 4   DC  A N4    1 
ATOM   80  C  C5    . DC  A 1 4  ? -4.564  -10.083 -1.363 1.00 76.59  ? 4   DC  A C5    1 
ATOM   81  C  C6    . DC  A 1 4  ? -5.165  -9.847  -0.190 1.00 78.07  ? 4   DC  A C6    1 
ATOM   82  P  P     . DC  A 1 5  ? -6.068  -7.539  5.965  1.00 103.71 ? 5   DC  A P     1 
ATOM   83  O  OP1   . DC  A 1 5  ? -7.344  -7.402  6.710  1.00 108.27 ? 5   DC  A OP1   1 
ATOM   84  O  OP2   . DC  A 1 5  ? -5.366  -6.325  5.426  1.00 99.35  ? 5   DC  A OP2   1 
ATOM   85  O  "O5'" . DC  A 1 5  ? -5.024  -8.276  6.913  1.00 108.72 ? 5   DC  A "O5'" 1 
ATOM   86  C  "C5'" . DC  A 1 5  ? -4.174  -9.338  6.433  1.00 112.25 ? 5   DC  A "C5'" 1 
ATOM   87  C  "C4'" . DC  A 1 5  ? -2.714  -9.063  6.722  1.00 112.41 ? 5   DC  A "C4'" 1 
ATOM   88  O  "O4'" . DC  A 1 5  ? -1.933  -9.255  5.513  1.00 109.72 ? 5   DC  A "O4'" 1 
ATOM   89  C  "C3'" . DC  A 1 5  ? -2.363  -7.662  7.232  1.00 111.59 ? 5   DC  A "C3'" 1 
ATOM   90  O  "O3'" . DC  A 1 5  ? -1.364  -7.816  8.261  1.00 116.63 ? 5   DC  A "O3'" 1 
ATOM   91  C  "C2'" . DC  A 1 5  ? -1.929  -6.937  5.967  1.00 106.08 ? 5   DC  A "C2'" 1 
ATOM   92  C  "C1'" . DC  A 1 5  ? -1.277  -8.050  5.143  1.00 103.03 ? 5   DC  A "C1'" 1 
ATOM   93  N  N1    . DC  A 1 5  ? -1.330  -7.931  3.669  1.00 92.77  ? 5   DC  A N1    1 
ATOM   94  C  C2    . DC  A 1 5  ? -0.370  -8.604  2.911  1.00 89.98  ? 5   DC  A C2    1 
ATOM   95  O  O2    . DC  A 1 5  ? 0.479   -9.293  3.495  1.00 91.67  ? 5   DC  A O2    1 
ATOM   96  N  N3    . DC  A 1 5  ? -0.390  -8.489  1.564  1.00 86.63  ? 5   DC  A N3    1 
ATOM   97  C  C4    . DC  A 1 5  ? -1.329  -7.748  0.974  1.00 85.57  ? 5   DC  A C4    1 
ATOM   98  N  N4    . DC  A 1 5  ? -1.318  -7.664  -0.359 1.00 87.11  ? 5   DC  A N4    1 
ATOM   99  C  C5    . DC  A 1 5  ? -2.317  -7.048  1.722  1.00 84.89  ? 5   DC  A C5    1 
ATOM   100 C  C6    . DC  A 1 5  ? -2.273  -7.156  3.054  1.00 88.47  ? 5   DC  A C6    1 
ATOM   101 P  P     . DA  A 1 6  ? -0.819  -6.565  9.116  1.00 113.34 ? 6   DA  A P     1 
ATOM   102 O  OP1   . DA  A 1 6  ? -0.866  -6.971  10.552 1.00 118.25 ? 6   DA  A OP1   1 
ATOM   103 O  OP2   . DA  A 1 6  ? -1.562  -5.348  8.672  1.00 109.55 ? 6   DA  A OP2   1 
ATOM   104 O  "O5'" . DA  A 1 6  ? 0.712   -6.502  8.662  1.00 105.87 ? 6   DA  A "O5'" 1 
ATOM   105 C  "C5'" . DA  A 1 6  ? 1.238   -7.627  7.934  1.00 104.74 ? 6   DA  A "C5'" 1 
ATOM   106 C  "C4'" . DA  A 1 6  ? 2.746   -7.666  7.848  1.00 104.46 ? 6   DA  A "C4'" 1 
ATOM   107 O  "O4'" . DA  A 1 6  ? 3.078   -7.613  6.451  1.00 98.21  ? 6   DA  A "O4'" 1 
ATOM   108 C  "C3'" . DA  A 1 6  ? 3.506   -6.494  8.446  1.00 104.53 ? 6   DA  A "C3'" 1 
ATOM   109 O  "O3'" . DA  A 1 6  ? 4.893   -6.863  8.509  1.00 112.12 ? 6   DA  A "O3'" 1 
ATOM   110 C  "C2'" . DA  A 1 6  ? 3.265   -5.435  7.396  1.00 98.45  ? 6   DA  A "C2'" 1 
ATOM   111 C  "C1'" . DA  A 1 6  ? 3.301   -6.256  6.109  1.00 94.37  ? 6   DA  A "C1'" 1 
ATOM   112 N  N9    . DA  A 1 6  ? 2.309   -5.864  5.116  1.00 87.39  ? 6   DA  A N9    1 
ATOM   113 C  C8    . DA  A 1 6  ? 1.101   -5.231  5.266  1.00 83.63  ? 6   DA  A C8    1 
ATOM   114 N  N7    . DA  A 1 6  ? 0.496   -4.976  4.132  1.00 79.34  ? 6   DA  A N7    1 
ATOM   115 C  C5    . DA  A 1 6  ? 1.381   -5.444  3.172  1.00 78.13  ? 6   DA  A C5    1 
ATOM   116 C  C6    . DA  A 1 6  ? 1.332   -5.465  1.770  1.00 75.67  ? 6   DA  A C6    1 
ATOM   117 N  N6    . DA  A 1 6  ? 0.321   -4.977  1.056  1.00 75.63  ? 6   DA  A N6    1 
ATOM   118 N  N1    . DA  A 1 6  ? 2.376   -6.011  1.115  1.00 77.61  ? 6   DA  A N1    1 
ATOM   119 C  C2    . DA  A 1 6  ? 3.396   -6.500  1.827  1.00 81.23  ? 6   DA  A C2    1 
ATOM   120 N  N3    . DA  A 1 6  ? 3.554   -6.546  3.145  1.00 83.52  ? 6   DA  A N3    1 
ATOM   121 C  C4    . DA  A 1 6  ? 2.505   -5.983  3.765  1.00 82.54  ? 6   DA  A C4    1 
ATOM   122 P  P     . DT  A 1 7  ? 6.049   -5.767  8.777  1.00 115.97 ? 7   DT  A P     1 
ATOM   123 O  OP1   . DT  A 1 7  ? 7.163   -6.439  9.505  1.00 121.82 ? 7   DT  A OP1   1 
ATOM   124 O  OP2   . DT  A 1 7  ? 5.417   -4.548  9.358  1.00 114.93 ? 7   DT  A OP2   1 
ATOM   125 O  "O5'" . DT  A 1 7  ? 6.552   -5.392  7.308  1.00 110.38 ? 7   DT  A "O5'" 1 
ATOM   126 C  "C5'" . DT  A 1 7  ? 7.216   -6.348  6.449  1.00 108.00 ? 7   DT  A "C5'" 1 
ATOM   127 C  "C4'" . DT  A 1 7  ? 7.720   -5.704  5.173  1.00 102.85 ? 7   DT  A "C4'" 1 
ATOM   128 O  "O4'" . DT  A 1 7  ? 6.623   -5.377  4.281  1.00 96.47  ? 7   DT  A "O4'" 1 
ATOM   129 C  "C3'" . DT  A 1 7  ? 8.524   -4.409  5.339  1.00 101.48 ? 7   DT  A "C3'" 1 
ATOM   130 O  "O3'" . DT  A 1 7  ? 9.623   -4.430  4.428  1.00 106.49 ? 7   DT  A "O3'" 1 
ATOM   131 C  "C2'" . DT  A 1 7  ? 7.554   -3.338  4.877  1.00 94.27  ? 7   DT  A "C2'" 1 
ATOM   132 C  "C1'" . DT  A 1 7  ? 6.810   -4.067  3.774  1.00 88.68  ? 7   DT  A "C1'" 1 
ATOM   133 N  N1    . DT  A 1 7  ? 5.484   -3.511  3.422  1.00 79.55  ? 7   DT  A N1    1 
ATOM   134 C  C2    . DT  A 1 7  ? 5.107   -3.476  2.098  1.00 74.47  ? 7   DT  A C2    1 
ATOM   135 O  O2    . DT  A 1 7  ? 5.805   -3.899  1.193  1.00 72.92  ? 7   DT  A O2    1 
ATOM   136 N  N3    . DT  A 1 7  ? 3.870   -2.930  1.872  1.00 72.36  ? 7   DT  A N3    1 
ATOM   137 C  C4    . DT  A 1 7  ? 2.992   -2.430  2.816  1.00 73.77  ? 7   DT  A C4    1 
ATOM   138 O  O4    . DT  A 1 7  ? 1.904   -1.978  2.465  1.00 74.61  ? 7   DT  A O4    1 
ATOM   139 C  C5    . DT  A 1 7  ? 3.449   -2.501  4.182  1.00 76.56  ? 7   DT  A C5    1 
ATOM   140 C  C7    . DT  A 1 7  ? 2.564   -1.985  5.272  1.00 77.65  ? 7   DT  A C7    1 
ATOM   141 C  C6    . DT  A 1 7  ? 4.659   -3.027  4.414  1.00 78.32  ? 7   DT  A C6    1 
ATOM   142 P  P     . DG  A 1 8  ? 11.045  -3.788  4.796  1.00 112.30 ? 8   DG  A P     1 
ATOM   143 O  OP1   . DG  A 1 8  ? 11.912  -4.857  5.355  1.00 123.18 ? 8   DG  A OP1   1 
ATOM   144 O  OP2   . DG  A 1 8  ? 10.826  -2.540  5.575  1.00 107.94 ? 8   DG  A OP2   1 
ATOM   145 O  "O5'" . DG  A 1 8  ? 11.666  -3.579  3.345  1.00 110.20 ? 8   DG  A "O5'" 1 
ATOM   146 C  "C5'" . DG  A 1 8  ? 11.352  -4.502  2.274  1.00 109.77 ? 8   DG  A "C5'" 1 
ATOM   147 C  "C4'" . DG  A 1 8  ? 11.379  -3.783  0.948  1.00 107.97 ? 8   DG  A "C4'" 1 
ATOM   148 O  "O4'" . DG  A 1 8  ? 10.105  -3.148  0.684  1.00 102.22 ? 8   DG  A "O4'" 1 
ATOM   149 C  "C3'" . DG  A 1 8  ? 12.407  -2.660  0.886  1.00 111.84 ? 8   DG  A "C3'" 1 
ATOM   150 O  "O3'" . DG  A 1 8  ? 12.912  -2.626  -0.447 1.00 122.75 ? 8   DG  A "O3'" 1 
ATOM   151 C  "C2'" . DG  A 1 8  ? 11.605  -1.437  1.299  1.00 103.73 ? 8   DG  A "C2'" 1 
ATOM   152 C  "C1'" . DG  A 1 8  ? 10.247  -1.726  0.686  1.00 96.49  ? 8   DG  A "C1'" 1 
ATOM   153 N  N9    . DG  A 1 8  ? 9.082   -1.149  1.365  1.00 86.07  ? 8   DG  A N9    1 
ATOM   154 C  C8    . DG  A 1 8  ? 8.933   -0.845  2.699  1.00 83.07  ? 8   DG  A C8    1 
ATOM   155 N  N7    . DG  A 1 8  ? 7.756   -0.354  2.985  1.00 78.63  ? 8   DG  A N7    1 
ATOM   156 C  C5    . DG  A 1 8  ? 7.093   -0.325  1.765  1.00 75.71  ? 8   DG  A C5    1 
ATOM   157 C  C6    . DG  A 1 8  ? 5.782   0.103   1.443  1.00 71.74  ? 8   DG  A C6    1 
ATOM   158 O  O6    . DG  A 1 8  ? 4.912   0.548   2.198  1.00 74.19  ? 8   DG  A O6    1 
ATOM   159 N  N1    . DG  A 1 8  ? 5.518   -0.030  0.083  1.00 68.85  ? 8   DG  A N1    1 
ATOM   160 C  C2    . DG  A 1 8  ? 6.407   -0.503  -0.849 1.00 71.96  ? 8   DG  A C2    1 
ATOM   161 N  N2    . DG  A 1 8  ? 5.976   -0.546  -2.116 1.00 73.41  ? 8   DG  A N2    1 
ATOM   162 N  N3    . DG  A 1 8  ? 7.623   -0.929  -0.560 1.00 75.62  ? 8   DG  A N3    1 
ATOM   163 C  C4    . DG  A 1 8  ? 7.900   -0.806  0.755  1.00 78.92  ? 8   DG  A C4    1 
ATOM   164 P  P     . DG  A 1 9  ? 14.005  -1.547  -0.879 1.00 126.53 ? 9   DG  A P     1 
ATOM   165 O  OP1   . DG  A 1 9  ? 15.095  -2.270  -1.614 1.00 132.00 ? 9   DG  A OP1   1 
ATOM   166 O  OP2   . DG  A 1 9  ? 14.338  -0.711  0.317  1.00 126.23 ? 9   DG  A OP2   1 
ATOM   167 O  "O5'" . DG  A 1 9  ? 13.195  -0.688  -1.945 1.00 112.51 ? 9   DG  A "O5'" 1 
ATOM   168 C  "C5'" . DG  A 1 9  ? 12.611  -1.299  -3.109 1.00 105.55 ? 9   DG  A "C5'" 1 
ATOM   169 C  "C4'" . DG  A 1 9  ? 11.709  -0.283  -3.758 1.00 100.15 ? 9   DG  A "C4'" 1 
ATOM   170 O  "O4'" . DG  A 1 9  ? 10.682  0.047   -2.793 1.00 94.98  ? 9   DG  A "O4'" 1 
ATOM   171 C  "C3'" . DG  A 1 9  ? 12.450  1.024   -4.079 1.00 101.85 ? 9   DG  A "C3'" 1 
ATOM   172 O  "O3'" . DG  A 1 9  ? 12.390  1.413   -5.466 1.00 103.94 ? 9   DG  A "O3'" 1 
ATOM   173 C  "C2'" . DG  A 1 9  ? 11.885  2.032   -3.085 1.00 96.67  ? 9   DG  A "C2'" 1 
ATOM   174 C  "C1'" . DG  A 1 9  ? 10.522  1.458   -2.740 1.00 88.87  ? 9   DG  A "C1'" 1 
ATOM   175 N  N9    . DG  A 1 9  ? 9.936   1.820   -1.443 1.00 76.41  ? 9   DG  A N9    1 
ATOM   176 C  C8    . DG  A 1 9  ? 10.521  1.826   -0.196 1.00 75.30  ? 9   DG  A C8    1 
ATOM   177 N  N7    . DG  A 1 9  ? 9.713   2.233   0.747  1.00 70.24  ? 9   DG  A N7    1 
ATOM   178 C  C5    . DG  A 1 9  ? 8.528   2.513   0.081  1.00 66.95  ? 9   DG  A C5    1 
ATOM   179 C  C6    . DG  A 1 9  ? 7.293   2.994   0.572  1.00 64.06  ? 9   DG  A C6    1 
ATOM   180 O  O6    . DG  A 1 9  ? 6.986   3.275   1.737  1.00 65.34  ? 9   DG  A O6    1 
ATOM   181 N  N1    . DG  A 1 9  ? 6.369   3.165   -0.455 1.00 60.89  ? 9   DG  A N1    1 
ATOM   182 C  C2    . DG  A 1 9  ? 6.615   2.930   -1.787 1.00 60.92  ? 9   DG  A C2    1 
ATOM   183 N  N2    . DG  A 1 9  ? 5.611   3.167   -2.632 1.00 60.51  ? 9   DG  A N2    1 
ATOM   184 N  N3    . DG  A 1 9  ? 7.751   2.462   -2.251 1.00 64.41  ? 9   DG  A N3    1 
ATOM   185 C  C4    . DG  A 1 9  ? 8.656   2.276   -1.271 1.00 68.46  ? 9   DG  A C4    1 
ATOM   186 P  P     . DG  A 1 10 ? 13.450  2.476   -6.050 1.00 102.09 ? 10  DG  A P     1 
ATOM   187 O  OP1   . DG  A 1 10 ? 13.937  1.984   -7.375 1.00 107.52 ? 10  DG  A OP1   1 
ATOM   188 O  OP2   . DG  A 1 10 ? 14.421  2.806   -4.971 1.00 101.50 ? 10  DG  A OP2   1 
ATOM   189 O  "O5'" . DG  A 1 10 ? 12.540  3.751   -6.299 1.00 98.63  ? 10  DG  A "O5'" 1 
ATOM   190 C  "C5'" . DG  A 1 10 ? 11.494  3.716   -7.286 1.00 93.93  ? 10  DG  A "C5'" 1 
ATOM   191 C  "C4'" . DG  A 1 10 ? 10.440  4.751   -6.969 1.00 88.24  ? 10  DG  A "C4'" 1 
ATOM   192 O  "O4'" . DG  A 1 10 ? 10.015  4.597   -5.595 1.00 84.05  ? 10  DG  A "O4'" 1 
ATOM   193 C  "C3'" . DG  A 1 10 ? 10.904  6.202   -7.100 1.00 86.50  ? 10  DG  A "C3'" 1 
ATOM   194 O  "O3'" . DG  A 1 10 ? 9.910   7.015   -7.722 1.00 87.99  ? 10  DG  A "O3'" 1 
ATOM   195 C  "C2'" . DG  A 1 10 ? 11.084  6.638   -5.664 1.00 82.25  ? 10  DG  A "C2'" 1 
ATOM   196 C  "C1'" . DG  A 1 10 ? 9.991   5.867   -4.988 1.00 76.14  ? 10  DG  A "C1'" 1 
ATOM   197 N  N9    . DG  A 1 10 ? 10.170  5.692   -3.553 1.00 69.22  ? 10  DG  A N9    1 
ATOM   198 C  C8    . DG  A 1 10 ? 11.296  5.301   -2.869 1.00 69.43  ? 10  DG  A C8    1 
ATOM   199 N  N7    . DG  A 1 10 ? 11.119  5.256   -1.576 1.00 67.65  ? 10  DG  A N7    1 
ATOM   200 C  C5    . DG  A 1 10 ? 9.806   5.668   -1.399 1.00 65.15  ? 10  DG  A C5    1 
ATOM   201 C  C6    . DG  A 1 10 ? 9.051   5.843   -0.215 1.00 65.85  ? 10  DG  A C6    1 
ATOM   202 O  O6    . DG  A 1 10 ? 9.411   5.696   0.960  1.00 72.77  ? 10  DG  A O6    1 
ATOM   203 N  N1    . DG  A 1 10 ? 7.752   6.244   -0.497 1.00 62.39  ? 10  DG  A N1    1 
ATOM   204 C  C2    . DG  A 1 10 ? 7.259   6.490   -1.754 1.00 62.83  ? 10  DG  A C2    1 
ATOM   205 N  N2    . DG  A 1 10 ? 5.990   6.902   -1.825 1.00 65.40  ? 10  DG  A N2    1 
ATOM   206 N  N3    . DG  A 1 10 ? 7.959   6.355   -2.860 1.00 62.82  ? 10  DG  A N3    1 
ATOM   207 C  C4    . DG  A 1 10 ? 9.211   5.940   -2.611 1.00 64.02  ? 10  DG  A C4    1 
ATOM   208 P  P     . DG  A 1 11 ? 10.276  8.473   -8.283 1.00 91.62  ? 11  DG  A P     1 
ATOM   209 O  OP1   . DG  A 1 11 ? 9.500   8.706   -9.522 1.00 96.94  ? 11  DG  A OP1   1 
ATOM   210 O  OP2   . DG  A 1 11 ? 11.748  8.666   -8.248 1.00 92.55  ? 11  DG  A OP2   1 
ATOM   211 O  "O5'" . DG  A 1 11 ? 9.621   9.448   -7.221 1.00 87.35  ? 11  DG  A "O5'" 1 
ATOM   212 C  "C5'" . DG  A 1 11 ? 8.293   9.247   -6.733 1.00 81.28  ? 11  DG  A "C5'" 1 
ATOM   213 C  "C4'" . DG  A 1 11 ? 8.066   10.208  -5.594 1.00 76.86  ? 11  DG  A "C4'" 1 
ATOM   214 O  "O4'" . DG  A 1 11 ? 8.829   9.764   -4.451 1.00 73.10  ? 11  DG  A "O4'" 1 
ATOM   215 C  "C3'" . DG  A 1 11 ? 8.584   11.606  -5.880 1.00 76.63  ? 11  DG  A "C3'" 1 
ATOM   216 O  "O3'" . DG  A 1 11 ? 7.934   12.531  -5.035 1.00 76.51  ? 11  DG  A "O3'" 1 
ATOM   217 C  "C2'" . DG  A 1 11 ? 10.013  11.519  -5.402 1.00 75.67  ? 11  DG  A "C2'" 1 
ATOM   218 C  "C1'" . DG  A 1 11 ? 9.849   10.687  -4.161 1.00 69.01  ? 11  DG  A "C1'" 1 
ATOM   219 N  N9    . DG  A 1 11 ? 11.021  9.930   -3.779 1.00 66.02  ? 11  DG  A N9    1 
ATOM   220 C  C8    . DG  A 1 11 ? 12.126  9.649   -4.543 1.00 66.80  ? 11  DG  A C8    1 
ATOM   221 N  N7    . DG  A 1 11 ? 13.015  8.939   -3.911 1.00 66.38  ? 11  DG  A N7    1 
ATOM   222 C  C5    . DG  A 1 11 ? 12.455  8.723   -2.661 1.00 65.90  ? 11  DG  A C5    1 
ATOM   223 C  C6    . DG  A 1 11 ? 12.958  8.021   -1.543 1.00 67.18  ? 11  DG  A C6    1 
ATOM   224 O  O6    . DG  A 1 11 ? 14.028  7.424   -1.431 1.00 73.56  ? 11  DG  A O6    1 
ATOM   225 N  N1    . DG  A 1 11 ? 12.079  8.071   -0.467 1.00 65.23  ? 11  DG  A N1    1 
ATOM   226 C  C2    . DG  A 1 11 ? 10.871  8.716   -0.467 1.00 63.04  ? 11  DG  A C2    1 
ATOM   227 N  N2    . DG  A 1 11 ? 10.155  8.627   0.658  1.00 62.27  ? 11  DG  A N2    1 
ATOM   228 N  N3    . DG  A 1 11 ? 10.383  9.363   -1.511 1.00 63.14  ? 11  DG  A N3    1 
ATOM   229 C  C4    . DG  A 1 11 ? 11.224  9.326   -2.567 1.00 64.56  ? 11  DG  A C4    1 
ATOM   230 P  P     . DA  A 1 12 ? 7.792   13.989  -5.467 1.00 80.78  ? 12  DA  A P     1 
ATOM   231 O  OP1   . DA  A 1 12 ? 7.572   13.978  -6.918 1.00 84.37  ? 12  DA  A OP1   1 
ATOM   232 O  OP2   . DA  A 1 12 ? 8.951   14.769  -4.917 1.00 80.99  ? 12  DA  A OP2   1 
ATOM   233 O  "O5'" . DA  A 1 12 ? 6.433   14.312  -4.728 1.00 80.08  ? 12  DA  A "O5'" 1 
ATOM   234 C  "C5'" . DA  A 1 12 ? 5.329   13.396  -4.835 1.00 78.75  ? 12  DA  A "C5'" 1 
ATOM   235 C  "C4'" . DA  A 1 12 ? 4.478   13.419  -3.587 1.00 78.51  ? 12  DA  A "C4'" 1 
ATOM   236 O  "O4'" . DA  A 1 12 ? 5.273   12.874  -2.515 1.00 77.67  ? 12  DA  A "O4'" 1 
ATOM   237 C  "C3'" . DA  A 1 12 ? 4.011   14.800  -3.113 1.00 84.56  ? 12  DA  A "C3'" 1 
ATOM   238 O  "O3'" . DA  A 1 12 ? 2.608   14.846  -2.736 1.00 94.85  ? 12  DA  A "O3'" 1 
ATOM   239 C  "C2'" . DA  A 1 12 ? 4.986   15.128  -1.987 1.00 81.69  ? 12  DA  A "C2'" 1 
ATOM   240 C  "C1'" . DA  A 1 12 ? 5.300   13.769  -1.417 1.00 74.60  ? 12  DA  A "C1'" 1 
ATOM   241 N  N9    . DA  A 1 12 ? 6.568   13.572  -0.707 1.00 68.41  ? 12  DA  A N9    1 
ATOM   242 C  C8    . DA  A 1 12 ? 7.729   13.010  -1.171 1.00 65.05  ? 12  DA  A C8    1 
ATOM   243 N  N7    . DA  A 1 12 ? 8.644   12.861  -0.249 1.00 64.38  ? 12  DA  A N7    1 
ATOM   244 C  C5    . DA  A 1 12 ? 8.027   13.300  0.911  1.00 64.13  ? 12  DA  A C5    1 
ATOM   245 C  C6    . DA  A 1 12 ? 8.466   13.391  2.243  1.00 65.75  ? 12  DA  A C6    1 
ATOM   246 N  N6    . DA  A 1 12 ? 9.682   13.035  2.650  1.00 68.27  ? 12  DA  A N6    1 
ATOM   247 N  N1    . DA  A 1 12 ? 7.617   13.914  3.150  1.00 67.09  ? 12  DA  A N1    1 
ATOM   248 C  C2    . DA  A 1 12 ? 6.395   14.279  2.744  1.00 66.59  ? 12  DA  A C2    1 
ATOM   249 N  N3    . DA  A 1 12 ? 5.863   14.229  1.526  1.00 65.30  ? 12  DA  A N3    1 
ATOM   250 C  C4    . DA  A 1 12 ? 6.746   13.735  0.644  1.00 65.29  ? 12  DA  A C4    1 
ATOM   251 P  P     . DG  A 1 13 ? 1.647   16.199  -2.975 1.00 103.72 ? 13  DG  A P     1 
ATOM   252 O  OP1   . DG  A 1 13 ? 0.315   15.881  -2.404 1.00 103.72 ? 13  DG  A OP1   1 
ATOM   253 O  OP2   . DG  A 1 13 ? 1.771   16.664  -4.387 1.00 103.75 ? 13  DG  A OP2   1 
ATOM   254 O  "O5'" . DG  A 1 13 ? 2.287   17.354  -2.075 1.00 101.73 ? 13  DG  A "O5'" 1 
HETATM 255 MG MG    . MG  B 2 .  ? -15.782 -5.802  6.153  1.00 107.68 ? 101 MG  A MG    1 
HETATM 256 O  O     . HOH C 3 .  ? -17.354 -6.093  4.472  1.00 89.47  ? 201 HOH A O     1 
HETATM 257 O  O     . HOH C 3 .  ? -15.096 -6.670  4.774  1.00 88.93  ? 202 HOH A O     1 
# 
loop_
_atom_site_anisotrop.id 
_atom_site_anisotrop.type_symbol 
_atom_site_anisotrop.pdbx_label_atom_id 
_atom_site_anisotrop.pdbx_label_alt_id 
_atom_site_anisotrop.pdbx_label_comp_id 
_atom_site_anisotrop.pdbx_label_asym_id 
_atom_site_anisotrop.pdbx_label_seq_id 
_atom_site_anisotrop.pdbx_PDB_ins_code 
_atom_site_anisotrop.U[1][1] 
_atom_site_anisotrop.U[2][2] 
_atom_site_anisotrop.U[3][3] 
_atom_site_anisotrop.U[1][2] 
_atom_site_anisotrop.U[1][3] 
_atom_site_anisotrop.U[2][3] 
_atom_site_anisotrop.pdbx_auth_seq_id 
_atom_site_anisotrop.pdbx_auth_comp_id 
_atom_site_anisotrop.pdbx_auth_asym_id 
_atom_site_anisotrop.pdbx_auth_atom_id 
1   O "O5'" . DG A 1  ? 1.0619 1.3991 1.2533 -0.0501 -0.0162 -0.3440 1  DG A "O5'" 
2   C "C5'" . DG A 1  ? 1.0021 1.3664 1.2662 -0.0653 -0.0095 -0.3933 1  DG A "C5'" 
3   C "C4'" . DG A 1  ? 0.9543 1.2797 1.2387 -0.0736 0.0059  -0.3851 1  DG A "C4'" 
4   O "O4'" . DG A 1  ? 0.9358 1.2676 1.1482 -0.0676 -0.0058 -0.3870 1  DG A "O4'" 
5   C "C3'" . DG A 1  ? 0.9196 1.1866 1.1962 -0.0703 0.0196  -0.3272 1  DG A "C3'" 
6   O "O3'" . DG A 1  ? 0.9278 1.1690 1.2833 -0.0822 0.0400  -0.3236 1  DG A "O3'" 
7   C "C2'" . DG A 1  ? 0.9088 1.1554 1.0890 -0.0582 0.0068  -0.2988 1  DG A "C2'" 
8   C "C1'" . DG A 1  ? 0.8829 1.1610 1.0516 -0.0617 -0.0011 -0.3382 1  DG A "C1'" 
9   N N9    . DG A 1  ? 0.8563 1.1416 0.9360 -0.0487 -0.0172 -0.3228 1  DG A N9    
10  C C8    . DG A 1  ? 0.8474 1.1176 0.8896 -0.0472 -0.0170 -0.3133 1  DG A C8    
11  N N7    . DG A 1  ? 0.8509 1.1319 0.8238 -0.0343 -0.0305 -0.2945 1  DG A N7    
12  C C5    . DG A 1  ? 0.8702 1.1737 0.8346 -0.0262 -0.0415 -0.2910 1  DG A C5    
13  C C6    . DG A 1  ? 0.9028 1.2253 0.8156 -0.0104 -0.0574 -0.2695 1  DG A C6    
14  O O6    . DG A 1  ? 0.9978 1.3209 0.8619 -0.0003 -0.0640 -0.2461 1  DG A O6    
15  N N1    . DG A 1  ? 0.9061 1.2500 0.8386 -0.0066 -0.0641 -0.2751 1  DG A N1    
16  C C2    . DG A 1  ? 0.9183 1.2647 0.9118 -0.0171 -0.0552 -0.2976 1  DG A C2    
17  N N2    . DG A 1  ? 0.9763 1.3456 0.9842 -0.0113 -0.0624 -0.2997 1  DG A N2    
18  N N3    . DG A 1  ? 0.8914 1.2192 0.9370 -0.0319 -0.0388 -0.3143 1  DG A N3    
19  C C4    . DG A 1  ? 0.8598 1.1666 0.8874 -0.0353 -0.0335 -0.3098 1  DG A C4    
20  P P     . DG A 2  ? 0.9641 1.1585 1.3258 -0.0793 0.0553  -0.2610 2  DG A P     
21  O OP1   . DG A 2  ? 0.9694 1.1504 1.4413 -0.0921 0.0772  -0.2610 2  DG A OP1   
22  O OP2   . DG A 2  ? 0.9725 1.1705 1.3008 -0.0705 0.0543  -0.2333 2  DG A OP2   
23  O "O5'" . DG A 2  ? 0.9451 1.1118 1.2211 -0.0704 0.0441  -0.2348 2  DG A "O5'" 
24  C "C5'" . DG A 2  ? 0.8691 1.0277 1.1556 -0.0759 0.0444  -0.2526 2  DG A "C5'" 
25  C "C4'" . DG A 2  ? 0.8362 0.9699 1.0386 -0.0656 0.0329  -0.2230 2  DG A "C4'" 
26  O "O4'" . DG A 2  ? 0.8129 0.9659 0.9369 -0.0558 0.0155  -0.2325 2  DG A "O4'" 
27  C "C3'" . DG A 2  ? 0.8281 0.9325 1.0043 -0.0581 0.0346  -0.1690 2  DG A "C3'" 
28  O "O3'" . DG A 2  ? 0.8446 0.9234 0.9996 -0.0561 0.0311  -0.1499 2  DG A "O3'" 
29  C "C2'" . DG A 2  ? 0.8094 0.9229 0.9095 -0.0461 0.0209  -0.1624 2  DG A "C2'" 
30  C "C1'" . DG A 2  ? 0.7971 0.9274 0.8606 -0.0441 0.0081  -0.1934 2  DG A "C1'" 
31  N N9    . DG A 2  ? 0.7712 0.9242 0.7894 -0.0344 -0.0046 -0.1999 2  DG A N9    
32  C C8    . DG A 2  ? 0.7637 0.9326 0.7927 -0.0314 -0.0038 -0.1996 2  DG A C8    
33  N N7    . DG A 2  ? 0.7779 0.9655 0.7654 -0.0210 -0.0175 -0.2035 2  DG A N7    
34  C C5    . DG A 2  ? 0.7725 0.9570 0.7190 -0.0168 -0.0268 -0.2029 2  DG A C5    
35  C C6    . DG A 2  ? 0.8171 1.0182 0.7175 -0.0049 -0.0411 -0.1985 2  DG A C6    
36  O O6    . DG A 2  ? 0.9155 1.1374 0.8034 0.0049  -0.0507 -0.1956 2  DG A O6    
37  N N1    . DG A 2  ? 0.8251 1.0178 0.6996 -0.0046 -0.0426 -0.1931 2  DG A N1    
38  C C2    . DG A 2  ? 0.7891 0.9596 0.6806 -0.0144 -0.0327 -0.1961 2  DG A C2    
39  N N2    . DG A 2  ? 0.8268 0.9944 0.6919 -0.0124 -0.0339 -0.1909 2  DG A N2    
40  N N3    . DG A 2  ? 0.7610 0.9160 0.6992 -0.0249 -0.0210 -0.2014 2  DG A N3    
41  C C4    . DG A 2  ? 0.7590 0.9222 0.7222 -0.0255 -0.0184 -0.2026 2  DG A C4    
42  P P     . DA A 3  ? 0.8489 0.9053 1.0521 -0.0585 0.0418  -0.1103 3  DA A P     
43  O OP1   . DA A 3  ? 0.8846 0.9491 1.1799 -0.0671 0.0603  -0.1094 3  DA A OP1   
44  O OP2   . DA A 3  ? 0.9391 0.9864 1.0756 -0.0470 0.0317  -0.0705 3  DA A OP2   
45  O "O5'" . DA A 3  ? 0.8564 0.8987 1.0865 -0.0641 0.0428  -0.1263 3  DA A "O5'" 
46  C "C5'" . DA A 3  ? 0.8714 0.9283 1.0896 -0.0682 0.0398  -0.1732 3  DA A "C5'" 
47  C "C4'" . DA A 3  ? 0.8648 0.9053 1.0820 -0.0695 0.0394  -0.1750 3  DA A "C4'" 
48  O "O4'" . DA A 3  ? 0.8545 0.8975 0.9860 -0.0613 0.0256  -0.1769 3  DA A "O4'" 
49  C "C3'" . DA A 3  ? 0.8871 0.8985 1.1235 -0.0666 0.0394  -0.1304 3  DA A "C3'" 
50  O "O3'" . DA A 3  ? 0.9913 0.9899 1.2600 -0.0709 0.0437  -0.1393 3  DA A "O3'" 
51  C "C2'" . DA A 3  ? 0.8665 0.8715 1.0110 -0.0545 0.0219  -0.1050 3  DA A "C2'" 
52  C "C1'" . DA A 3  ? 0.8185 0.8359 0.9103 -0.0528 0.0157  -0.1373 3  DA A "C1'" 
53  N N9    . DA A 3  ? 0.7584 0.7823 0.7794 -0.0426 0.0030  -0.1304 3  DA A N9    
54  C C8    . DA A 3  ? 0.7417 0.7832 0.7506 -0.0398 0.0017  -0.1342 3  DA A C8    
55  N N7    . DA A 3  ? 0.7626 0.8066 0.7138 -0.0298 -0.0097 -0.1285 3  DA A N7    
56  C C5    . DA A 3  ? 0.7281 0.7548 0.6536 -0.0264 -0.0156 -0.1210 3  DA A C5    
57  C C6    . DA A 3  ? 0.7389 0.7581 0.6187 -0.0168 -0.0258 -0.1126 3  DA A C6    
58  N N6    . DA A 3  ? 0.7700 0.7977 0.6202 -0.0077 -0.0327 -0.1102 3  DA A N6    
59  N N1    . DA A 3  ? 0.7540 0.7557 0.6307 -0.0167 -0.0272 -0.1064 3  DA A N1    
60  C C2    . DA A 3  ? 0.7489 0.7424 0.6619 -0.0253 -0.0196 -0.1092 3  DA A C2    
61  N N3    . DA A 3  ? 0.7414 0.7400 0.7016 -0.0342 -0.0098 -0.1172 3  DA A N3    
62  C C4    . DA A 3  ? 0.7326 0.7479 0.6977 -0.0344 -0.0080 -0.1226 3  DA A C4    
63  P P     . DC A 4  ? 1.0227 1.0174 1.4126 -0.0827 0.0637  -0.1564 4  DC A P     
64  O OP1   . DC A 4  ? 1.0408 1.0302 1.4360 -0.0856 0.0664  -0.1784 4  DC A OP1   
65  O OP2   . DC A 4  ? 1.0357 1.0541 1.4802 -0.0915 0.0760  -0.1951 4  DC A OP2   
66  O "O5'" . DC A 4  ? 1.0004 0.9749 1.4371 -0.0783 0.0644  -0.0961 4  DC A "O5'" 
67  C "C5'" . DC A 4  ? 0.9959 0.9748 1.5063 -0.0812 0.0773  -0.0746 4  DC A "C5'" 
68  C "C4'" . DC A 4  ? 0.9892 0.9549 1.5633 -0.0773 0.0811  -0.0156 4  DC A "C4'" 
69  O "O4'" . DC A 4  ? 0.9556 0.9102 1.6478 -0.0862 0.0977  -0.0328 4  DC A "O4'" 
70  C "C3'" . DC A 4  ? 0.9849 0.9436 1.4877 -0.0661 0.0608  0.0236  4  DC A "C3'" 
71  O "O3'" . DC A 4  ? 1.0818 1.0478 1.6045 -0.0580 0.0587  0.0899  4  DC A "O3'" 
72  C "C2'" . DC A 4  ? 0.9366 0.8796 1.4915 -0.0708 0.0639  0.0040  4  DC A "C2'" 
73  C "C1'" . DC A 4  ? 0.8932 0.8333 1.5818 -0.0816 0.0886  -0.0134 4  DC A "C1'" 
74  N N1    . DC A 4  ? 0.8086 0.7448 1.5413 -0.0912 0.0991  -0.0726 4  DC A N1    
75  C C2    . DC A 4  ? 0.7526 0.6737 1.5703 -0.0926 0.1060  -0.0629 4  DC A C2    
76  O O2    . DC A 4  ? 0.7438 0.6563 1.6018 -0.0851 0.1013  -0.0010 4  DC A O2    
77  N N3    . DC A 4  ? 0.7302 0.6523 1.5869 -0.1015 0.1182  -0.1208 4  DC A N3    
78  C C4    . DC A 4  ? 0.7289 0.6719 1.5379 -0.1083 0.1225  -0.1839 4  DC A C4    
79  N N4    . DC A 4  ? 0.7522 0.7053 1.5978 -0.1166 0.1363  -0.2406 4  DC A N4    
80  C C5    . DC A 4  ? 0.7429 0.7031 1.4642 -0.1060 0.1127  -0.1904 4  DC A C5    
81  C C6    . DC A 4  ? 0.7749 0.7279 1.4635 -0.0978 0.1018  -0.1353 4  DC A C6    
82  P P     . DC A 5  ? 1.1806 1.1622 1.5978 -0.0443 0.0349  0.1298  5  DC A P     
83  O OP1   . DC A 5  ? 1.2428 1.2469 1.6238 -0.0402 0.0391  0.1508  5  DC A OP1   
84  O OP2   . DC A 5  ? 1.1551 1.1268 1.4931 -0.0423 0.0169  0.0952  5  DC A OP2   
85  O "O5'" . DC A 5  ? 1.2222 1.2094 1.6992 -0.0379 0.0311  0.1902  5  DC A "O5'" 
86  C "C5'" . DC A 5  ? 1.2350 1.2035 1.8266 -0.0438 0.0432  0.1921  5  DC A "C5'" 
87  C "C4'" . DC A 5  ? 1.2397 1.2056 1.8259 -0.0375 0.0245  0.2103  5  DC A "C4'" 
88  O "O4'" . DC A 5  ? 1.1973 1.1366 1.8348 -0.0468 0.0328  0.1614  5  DC A "O4'" 
89  C "C3'" . DC A 5  ? 1.2652 1.2453 1.7295 -0.0286 -0.0034 0.2083  5  DC A "C3'" 
90  O "O3'" . DC A 5  ? 1.3178 1.3182 1.7956 -0.0182 -0.0212 0.2608  5  DC A "O3'" 
91  C "C2'" . DC A 5  ? 1.2135 1.1679 1.6491 -0.0361 -0.0040 0.1452  5  DC A "C2'" 
92  C "C1'" . DC A 5  ? 1.1432 1.0771 1.6941 -0.0449 0.0150  0.1310  5  DC A "C1'" 
93  N N1    . DC A 5  ? 1.0168 0.9344 1.5739 -0.0562 0.0296  0.0654  5  DC A N1    
94  C C2    . DC A 5  ? 0.9573 0.8609 1.6007 -0.0630 0.0425  0.0432  5  DC A C2    
95  O O2    . DC A 5  ? 0.9545 0.8544 1.6743 -0.0594 0.0410  0.0808  5  DC A O2    
96  N N3    . DC A 5  ? 0.9163 0.8162 1.5592 -0.0727 0.0569  -0.0181 5  DC A N3    
97  C C4    . DC A 5  ? 0.9265 0.8367 1.4881 -0.0746 0.0562  -0.0511 5  DC A C4    
98  N N4    . DC A 5  ? 0.9446 0.8618 1.5035 -0.0829 0.0695  -0.1076 5  DC A N4    
99  C C5    . DC A 5  ? 0.9420 0.8612 1.4223 -0.0674 0.0421  -0.0274 5  DC A C5    
100 C C6    . DC A 5  ? 0.9863 0.9087 1.4664 -0.0588 0.0302  0.0277  5  DC A C6    
101 P P     . DA A 6  ? 1.3012 1.3293 1.6759 -0.0076 -0.0532 0.2671  6  DA A P     
102 O OP1   . DA A 6  ? 1.3486 1.4247 1.7198 0.0048  -0.0637 0.3352  6  DA A OP1   
103 O OP2   . DA A 6  ? 1.2869 1.3078 1.5678 -0.0103 -0.0561 0.2162  6  DA A OP2   
104 O "O5'" . DA A 6  ? 1.1986 1.2083 1.6158 -0.0089 -0.0644 0.2543  6  DA A "O5'" 
105 C "C5'" . DA A 6  ? 1.1548 1.1379 1.6869 -0.0160 -0.0451 0.2550  6  DA A "C5'" 
106 C "C4'" . DA A 6  ? 1.1375 1.1142 1.7174 -0.0141 -0.0577 0.2587  6  DA A "C4'" 
107 O "O4'" . DA A 6  ? 1.0603 1.0004 1.6707 -0.0260 -0.0399 0.2006  6  DA A "O4'" 
108 C "C3'" . DA A 6  ? 1.1572 1.1547 1.6597 -0.0063 -0.0895 0.2562  6  DA A "C3'" 
109 O "O3'" . DA A 6  ? 1.2294 1.2263 1.8044 -0.0035 -0.0998 0.2728  6  DA A "O3'" 
110 C "C2'" . DA A 6  ? 1.1103 1.0800 1.5505 -0.0148 -0.0831 0.1917  6  DA A "C2'" 
111 C "C1'" . DA A 6  ? 1.0435 0.9791 1.5630 -0.0265 -0.0532 0.1622  6  DA A "C1'" 
112 N N9    . DA A 6  ? 0.9752 0.8956 1.4498 -0.0349 -0.0357 0.1154  6  DA A N9    
113 C C8    . DA A 6  ? 0.9511 0.8808 1.3456 -0.0334 -0.0374 0.1064  6  DA A C8    
114 N N7    . DA A 6  ? 0.9079 0.8242 1.2824 -0.0413 -0.0216 0.0618  6  DA A N7    
115 C C5    . DA A 6  ? 0.8764 0.7766 1.3154 -0.0488 -0.0075 0.0372  6  DA A C5    
116 C C6    . DA A 6  ? 0.8446 0.7368 1.2937 -0.0583 0.0125  -0.0121 6  DA A C6    
117 N N6    . DA A 6  ? 0.8609 0.7598 1.2528 -0.0613 0.0191  -0.0428 6  DA A N6    
118 N N1    . DA A 6  ? 0.8483 0.7310 1.3695 -0.0641 0.0254  -0.0290 6  DA A N1    
119 C C2    . DA A 6  ? 0.8746 0.7523 1.4596 -0.0601 0.0173  0.0042  6  DA A C2    
120 N N3    . DA A 6  ? 0.9011 0.7874 1.4850 -0.0505 -0.0039 0.0554  6  DA A N3    
121 C C4    . DA A 6  ? 0.9108 0.8102 1.4151 -0.0453 -0.0152 0.0685  6  DA A C4    
122 P P     . DT A 7  ? 1.2879 1.2971 1.8215 0.0009  -0.1296 0.2562  7  DT A P     
123 O OP1   . DT A 7  ? 1.3285 1.3634 1.9366 0.0099  -0.1477 0.3048  7  DT A OP1   
124 O OP2   . DT A 7  ? 1.3047 1.3382 1.7240 0.0051  -0.1477 0.2396  7  DT A OP2   
125 O "O5'" . DT A 7  ? 1.2253 1.1880 1.7807 -0.0117 -0.1105 0.1967  7  DT A "O5'" 
126 C "C5'" . DT A 7  ? 1.1687 1.1047 1.8301 -0.0188 -0.0882 0.1890  7  DT A "C5'" 
127 C "C4'" . DT A 7  ? 1.1154 1.0219 1.7705 -0.0289 -0.0730 0.1320  7  DT A "C4'" 
128 O "O4'" . DT A 7  ? 1.0580 0.9500 1.6575 -0.0368 -0.0522 0.0932  7  DT A "O4'" 
129 C "C3'" . DT A 7  ? 1.1136 1.0249 1.7174 -0.0262 -0.0951 0.1164  7  DT A "C3'" 
130 O "O3'" . DT A 7  ? 1.1634 1.0542 1.8284 -0.0329 -0.0811 0.0906  7  DT A "O3'" 
131 C "C2'" . DT A 7  ? 1.0573 0.9608 1.5640 -0.0296 -0.0896 0.0830  7  DT A "C2'" 
132 C "C1'" . DT A 7  ? 0.9850 0.8697 1.5146 -0.0388 -0.0564 0.0602  7  DT A "C1'" 
133 N N1    . DT A 7  ? 0.8963 0.7806 1.3457 -0.0407 -0.0490 0.0402  7  DT A N1    
134 C C2    . DT A 7  ? 0.8381 0.7103 1.2811 -0.0495 -0.0236 0.0012  7  DT A C2    
135 O O2    . DT A 7  ? 0.8033 0.6664 1.3011 -0.0564 -0.0045 -0.0208 7  DT A O2    
136 N N3    . DT A 7  ? 0.8340 0.7110 1.2044 -0.0493 -0.0212 -0.0120 7  DT A N3    
137 C C4    . DT A 7  ? 0.8683 0.7572 1.1774 -0.0421 -0.0387 0.0068  7  DT A C4    
138 O O4    . DT A 7  ? 0.8960 0.7880 1.1507 -0.0424 -0.0336 -0.0086 7  DT A O4    
139 C C5    . DT A 7  ? 0.8963 0.7999 1.2127 -0.0337 -0.0623 0.0437  7  DT A C5    
140 C C7    . DT A 7  ? 0.9247 0.8509 1.1748 -0.0257 -0.0797 0.0612  7  DT A C7    
141 C C6    . DT A 7  ? 0.8967 0.7992 1.2800 -0.0332 -0.0676 0.0597  7  DT A C6    
142 P P     . DG A 8  ? 1.2260 1.1246 1.9164 -0.0291 -0.1037 0.0928  8  DG A P     
143 O OP1   . DG A 8  ? 1.3264 1.2377 2.1162 -0.0237 -0.1128 0.1299  8  DG A OP1   
144 O OP2   . DG A 8  ? 1.1928 1.1111 1.7975 -0.0232 -0.1322 0.0906  8  DG A OP2   
145 O "O5'" . DG A 8  ? 1.1978 1.0673 1.9218 -0.0403 -0.0728 0.0494  8  DG A "O5'" 
146 C "C5'" . DG A 8  ? 1.1824 1.0360 1.9523 -0.0492 -0.0368 0.0280  8  DG A "C5'" 
147 C "C4'" . DG A 8  ? 1.1755 1.0161 1.9107 -0.0582 -0.0104 -0.0165 8  DG A "C4'" 
148 O "O4'" . DG A 8  ? 1.1342 0.9765 1.7734 -0.0588 -0.0074 -0.0286 8  DG A "O4'" 
149 C "C3'" . DG A 8  ? 1.2284 1.0657 1.9555 -0.0576 -0.0193 -0.0231 8  DG A "C3'" 
150 O "O3'" . DG A 8  ? 1.3603 1.1893 2.1144 -0.0666 0.0151  -0.0559 8  DG A "O3'" 
151 C "C2'" . DG A 8  ? 1.1577 0.9988 1.7847 -0.0533 -0.0374 -0.0213 8  DG A "C2'" 
152 C "C1'" . DG A 8  ? 1.0837 0.9241 1.6585 -0.0566 -0.0184 -0.0341 8  DG A "C1'" 
153 N N9    . DG A 8  ? 0.9763 0.8244 1.4695 -0.0508 -0.0366 -0.0237 8  DG A N9    
154 C C8    . DG A 8  ? 0.9422 0.8047 1.4093 -0.0422 -0.0686 0.0007  8  DG A C8    
155 N N7    . DG A 8  ? 0.9081 0.7770 1.3022 -0.0389 -0.0745 0.0002  8  DG A N7    
156 C C5    . DG A 8  ? 0.8825 0.7400 1.2542 -0.0453 -0.0471 -0.0231 8  DG A C5    
157 C C6    . DG A 8  ? 0.8538 0.7140 1.1578 -0.0448 -0.0409 -0.0330 8  DG A C6    
158 O O6    . DG A 8  ? 0.8991 0.7684 1.1513 -0.0389 -0.0564 -0.0244 8  DG A O6    
159 N N1    . DG A 8  ? 0.8191 0.6762 1.1206 -0.0514 -0.0136 -0.0568 8  DG A N1    
160 C C2    . DG A 8  ? 0.8419 0.6958 1.1963 -0.0584 0.0079  -0.0726 8  DG A C2    
161 N N2    . DG A 8  ? 0.8632 0.7271 1.1989 -0.0637 0.0326  -0.0978 8  DG A N2    
162 N N3    . DG A 8  ? 0.8679 0.7151 1.2903 -0.0595 0.0053  -0.0654 8  DG A N3    
163 C C4    . DG A 8  ? 0.9075 0.7557 1.3355 -0.0525 -0.0238 -0.0390 8  DG A C4    
164 P P     . DG A 9  ? 1.4073 1.2308 2.1695 -0.0688 0.0198  -0.0662 9  DG A P     
165 O OP1   . DG A 9  ? 1.4459 1.2675 2.3020 -0.0751 0.0463  -0.0826 9  DG A OP1   
166 O OP2   . DG A 9  ? 1.4077 1.2348 2.1538 -0.0612 -0.0189 -0.0446 9  DG A OP2   
167 O "O5'" . DG A 9  ? 1.2572 1.0814 1.9363 -0.0728 0.0431  -0.0865 9  DG A "O5'" 
168 C "C5'" . DG A 9  ? 1.1694 1.0036 1.8373 -0.0794 0.0764  -0.1126 9  DG A "C5'" 
169 C "C4'" . DG A 9  ? 1.1295 0.9714 1.7043 -0.0787 0.0846  -0.1175 9  DG A "C4'" 
170 O "O4'" . DG A 9  ? 1.0847 0.9222 1.6020 -0.0717 0.0553  -0.0993 9  DG A "O4'" 
171 C "C3'" . DG A 9  ? 1.1559 0.9925 1.7216 -0.0778 0.0897  -0.1096 9  DG A "C3'" 
172 O "O3'" . DG A 9  ? 1.1857 1.0409 1.7228 -0.0818 0.1248  -0.1227 9  DG A "O3'" 
173 C "C2'" . DG A 9  ? 1.1105 0.9367 1.6259 -0.0701 0.0573  -0.0892 9  DG A "C2'" 
174 C "C1'" . DG A 9  ? 1.0266 0.8596 1.4903 -0.0674 0.0467  -0.0894 9  DG A "C1'" 
175 N N9    . DG A 9  ? 0.8813 0.7098 1.3122 -0.0600 0.0122  -0.0725 9  DG A N9    
176 C C8    . DG A 9  ? 0.8575 0.6845 1.3192 -0.0555 -0.0176 -0.0586 9  DG A C8    
177 N N7    . DG A 9  ? 0.8079 0.6411 1.2200 -0.0491 -0.0422 -0.0496 9  DG A N7    
178 C C5    . DG A 9  ? 0.7864 0.6199 1.1374 -0.0494 -0.0275 -0.0567 9  DG A C5    
179 C C6    . DG A 9  ? 0.7696 0.6089 1.0557 -0.0439 -0.0403 -0.0537 9  DG A C6    
180 O O6    . DG A 9  ? 0.7899 0.6376 1.0553 -0.0378 -0.0660 -0.0461 9  DG A O6    
181 N N1    . DG A 9  ? 0.7428 0.5842 0.9865 -0.0455 -0.0196 -0.0622 9  DG A N1    
182 C C2    . DG A 9  ? 0.7384 0.5829 0.9932 -0.0512 0.0091  -0.0733 9  DG A C2    
183 N N2    . DG A 9  ? 0.7456 0.6028 0.9506 -0.0506 0.0227  -0.0795 9  DG A N2    
184 N N3    . DG A 9  ? 0.7647 0.6066 1.0761 -0.0569 0.0235  -0.0792 9  DG A N3    
185 C C4    . DG A 9  ? 0.8027 0.6356 1.1629 -0.0557 0.0042  -0.0699 9  DG A C4    
186 P P     . DG A 10 ? 1.1552 1.0086 1.7152 -0.0831 0.1437  -0.1128 10 DG A P     
187 O OP1   . DG A 10 ? 1.2081 1.0889 1.7883 -0.0900 0.1858  -0.1342 10 DG A OP1   
188 O OP2   . DG A 10 ? 1.1353 0.9647 1.7563 -0.0812 0.1179  -0.1000 10 DG A OP2   
189 O "O5'" . DG A 10 ? 1.1361 0.9931 1.6181 -0.0770 0.1414  -0.0934 10 DG A "O5'" 
190 C "C5'" . DG A 10 ? 1.0900 0.9767 1.5022 -0.0761 0.1598  -0.0988 10 DG A "C5'" 
191 C "C4'" . DG A 10 ? 1.0408 0.9217 1.3900 -0.0679 0.1416  -0.0769 10 DG A "C4'" 
192 O "O4'" . DG A 10 ? 0.9959 0.8524 1.3452 -0.0645 0.1047  -0.0763 10 DG A "O4'" 
193 C "C3'" . DG A 10 ? 1.0187 0.8885 1.3795 -0.0636 0.1472  -0.0484 10 DG A "C3'" 
194 O "O3'" . DG A 10 ? 1.0521 0.9396 1.3516 -0.0568 0.1543  -0.0283 10 DG A "O3'" 
195 C "C2'" . DG A 10 ? 0.9662 0.8019 1.3570 -0.0607 0.1112  -0.0454 10 DG A "C2'" 
196 C "C1'" . DG A 10 ? 0.9031 0.7413 1.2486 -0.0586 0.0878  -0.0573 10 DG A "C1'" 
197 N N9    . DG A 10 ? 0.8134 0.6334 1.1832 -0.0568 0.0533  -0.0610 10 DG A N9    
198 C C8    . DG A 10 ? 0.7976 0.6083 1.2323 -0.0597 0.0409  -0.0654 10 DG A C8    
199 N N7    . DG A 10 ? 0.7766 0.5839 1.2099 -0.0555 0.0071  -0.0649 10 DG A N7    
200 C C5    . DG A 10 ? 0.7663 0.5771 1.1320 -0.0502 -0.0009 -0.0622 10 DG A C5    
201 C C6    . DG A 10 ? 0.7851 0.5997 1.1171 -0.0442 -0.0308 -0.0623 10 DG A C6    
202 O O6    . DG A 10 ? 0.8647 0.6855 1.2149 -0.0416 -0.0585 -0.0634 10 DG A O6    
203 N N1    . DG A 10 ? 0.7607 0.5787 1.0313 -0.0403 -0.0264 -0.0606 10 DG A N1    
204 C C2    . DG A 10 ? 0.7741 0.5951 1.0179 -0.0411 0.0002  -0.0565 10 DG A C2    
205 N N2    . DG A 10 ? 0.8226 0.6500 1.0123 -0.0358 -0.0021 -0.0535 10 DG A N2    
206 N N3    . DG A 10 ? 0.7649 0.5889 1.0331 -0.0460 0.0272  -0.0548 10 DG A N3    
207 C C4    . DG A 10 ? 0.7621 0.5789 1.0914 -0.0509 0.0264  -0.0592 10 DG A C4    
208 P P     . DG A 11 ? 1.0928 0.9797 1.4086 -0.0517 0.1727  0.0088  11 DG A P     
209 O OP1   . DG A 11 ? 1.1662 1.0971 1.4199 -0.0466 0.1960  0.0277  11 DG A OP1   
210 O OP2   . DG A 11 ? 1.0834 0.9543 1.4789 -0.0576 0.1864  0.0109  11 DG A OP2   
211 O "O5'" . DG A 11 ? 1.0492 0.9056 1.3641 -0.0443 0.1415  0.0198  11 DG A "O5'" 
212 C "C5'" . DG A 11 ? 0.9912 0.8501 1.2471 -0.0393 0.1183  0.0117  11 DG A "C5'" 
213 C "C4'" . DG A 11 ? 0.9376 0.7662 1.2165 -0.0340 0.0914  0.0144  11 DG A "C4'" 
214 O "O4'" . DG A 11 ? 0.8825 0.6911 1.2040 -0.0390 0.0686  -0.0091 11 DG A "O4'" 
215 C "C3'" . DG A 11 ? 0.9210 0.7370 1.2535 -0.0304 0.1052  0.0414  11 DG A "C3'" 
216 O "O3'" . DG A 11 ? 0.9225 0.7202 1.2644 -0.0238 0.0833  0.0402  11 DG A "O3'" 
217 C "C2'" . DG A 11 ? 0.8900 0.6872 1.2979 -0.0381 0.1036  0.0275  11 DG A "C2'" 
218 C "C1'" . DG A 11 ? 0.8128 0.6024 1.2068 -0.0402 0.0689  -0.0047 11 DG A "C1'" 
219 N N9    . DG A 11 ? 0.7603 0.5455 1.2027 -0.0476 0.0639  -0.0213 11 DG A N9    
220 C C8    . DG A 11 ? 0.7537 0.5426 1.2420 -0.0539 0.0900  -0.0166 11 DG A C8    
221 N N7    . DG A 11 ? 0.7349 0.5189 1.2683 -0.0588 0.0762  -0.0342 11 DG A N7    
222 C C5    . DG A 11 ? 0.7377 0.5186 1.2478 -0.0551 0.0384  -0.0479 11 DG A C5    
223 C C6    . DG A 11 ? 0.7442 0.5270 1.2813 -0.0559 0.0084  -0.0625 11 DG A C6    
224 O O6    . DG A 11 ? 0.8057 0.5895 1.3998 -0.0602 0.0077  -0.0672 11 DG A O6    
225 N N1    . DG A 11 ? 0.7323 0.5208 1.2255 -0.0501 -0.0231 -0.0691 11 DG A N1    
226 C C2    . DG A 11 ? 0.7235 0.5117 1.1600 -0.0448 -0.0247 -0.0665 11 DG A C2    
227 N N2    . DG A 11 ? 0.7224 0.5208 1.1228 -0.0398 -0.0542 -0.0758 11 DG A N2    
228 N N3    . DG A 11 ? 0.7330 0.5161 1.1496 -0.0437 0.0017  -0.0529 11 DG A N3    
229 C C4    . DG A 11 ? 0.7394 0.5208 1.1926 -0.0487 0.0319  -0.0423 11 DG A C4    
230 P P     . DA A 12 ? 0.9653 0.7554 1.3484 -0.0163 0.0980  0.0731  12 DA A P     
231 O OP1   . DA A 12 ? 1.0119 0.8331 1.3605 -0.0126 0.1301  0.1115  12 DA A OP1   
232 O OP2   . DA A 12 ? 0.9442 0.7074 1.4254 -0.0204 0.0966  0.0658  12 DA A OP2   
233 O "O5'" . DA A 12 ? 0.9703 0.7571 1.3153 -0.0083 0.0729  0.0621  12 DA A "O5'" 
234 C "C5'" . DA A 12 ? 0.9748 0.7834 1.2341 -0.0063 0.0642  0.0542  12 DA A "C5'" 
235 C "C4'" . DA A 12 ? 0.9812 0.7803 1.2217 -0.0033 0.0337  0.0264  12 DA A "C4'" 
236 O "O4'" . DA A 12 ? 0.9666 0.7545 1.2300 -0.0106 0.0140  -0.0052 12 DA A "O4'" 
237 C "C3'" . DA A 12 ? 1.0484 0.8319 1.3326 0.0048  0.0269  0.0296  12 DA A "C3'" 
238 O "O3'" . DA A 12 ? 1.1915 0.9841 1.4282 0.0121  0.0131  0.0227  12 DA A "O3'" 
239 C "C2'" . DA A 12 ? 0.9969 0.7610 1.3460 -0.0007 0.0098  -0.0028 12 DA A "C2'" 
240 C "C1'" . DA A 12 ? 0.9181 0.6920 1.2244 -0.0080 -0.0060 -0.0262 12 DA A "C1'" 
241 N N9    . DA A 12 ? 0.8250 0.5924 1.1820 -0.0151 -0.0185 -0.0481 12 DA A N9    
242 C C8    . DA A 12 ? 0.7734 0.5387 1.1593 -0.0224 -0.0067 -0.0418 12 DA A C8    
243 N N7    . DA A 12 ? 0.7511 0.5156 1.1795 -0.0268 -0.0270 -0.0662 12 DA A N7    
244 C C5    . DA A 12 ? 0.7491 0.5204 1.1671 -0.0223 -0.0542 -0.0922 12 DA A C5    
245 C C6    . DA A 12 ? 0.7568 0.5420 1.1994 -0.0230 -0.0859 -0.1267 12 DA A C6    
246 N N6    . DA A 12 ? 0.7715 0.5631 1.2594 -0.0282 -0.0982 -0.1382 12 DA A N6    
247 N N1    . DA A 12 ? 0.7765 0.5746 1.1981 -0.0175 -0.1048 -0.1512 12 DA A N1    
248 C C2    . DA A 12 ? 0.7850 0.5769 1.1683 -0.0116 -0.0927 -0.1394 12 DA A C2    
249 N N3    . DA A 12 ? 0.7812 0.5597 1.1402 -0.0098 -0.0660 -0.1044 12 DA A N3    
250 C C4    . DA A 12 ? 0.7780 0.5489 1.1540 -0.0154 -0.0478 -0.0826 12 DA A C4    
251 P P     . DG A 13 ? 1.2951 1.0842 1.5618 0.0247  0.0184  0.0454  13 DG A P     
252 O OP1   . DG A 13 ? 1.3095 1.1107 1.5208 0.0295  0.0011  0.0272  13 DG A OP1   
253 O OP2   . DG A 13 ? 1.2873 1.0881 1.5666 0.0302  0.0461  0.0973  13 DG A OP2   
254 O "O5'" . DG A 13 ? 1.2470 1.0088 1.6096 0.0245  0.0113  0.0231  13 DG A "O5'" 
# 
loop_
_pdbx_poly_seq_scheme.asym_id 
_pdbx_poly_seq_scheme.entity_id 
_pdbx_poly_seq_scheme.seq_id 
_pdbx_poly_seq_scheme.mon_id 
_pdbx_poly_seq_scheme.ndb_seq_num 
_pdbx_poly_seq_scheme.pdb_seq_num 
_pdbx_poly_seq_scheme.auth_seq_num 
_pdbx_poly_seq_scheme.pdb_mon_id 
_pdbx_poly_seq_scheme.auth_mon_id 
_pdbx_poly_seq_scheme.pdb_strand_id 
_pdbx_poly_seq_scheme.pdb_ins_code 
_pdbx_poly_seq_scheme.hetero 
A 1 1  DG 1  1  1  DG DG A . n 
A 1 2  DG 2  2  2  DG DG A . n 
A 1 3  DA 3  3  3  DA DA A . n 
A 1 4  DC 4  4  4  DC DC A . n 
A 1 5  DC 5  5  5  DC DC A . n 
A 1 6  DA 6  6  6  DA DA A . n 
A 1 7  DT 7  7  7  DT DT A . n 
A 1 8  DG 8  8  8  DG DG A . n 
A 1 9  DG 9  9  9  DG DG A . n 
A 1 10 DG 10 10 10 DG DG A . n 
A 1 11 DG 11 11 11 DG DG A . n 
A 1 12 DA 12 12 12 DA DA A . n 
A 1 13 DG 13 13 13 DG DG A . n 
# 
loop_
_pdbx_nonpoly_scheme.asym_id 
_pdbx_nonpoly_scheme.entity_id 
_pdbx_nonpoly_scheme.mon_id 
_pdbx_nonpoly_scheme.ndb_seq_num 
_pdbx_nonpoly_scheme.pdb_seq_num 
_pdbx_nonpoly_scheme.auth_seq_num 
_pdbx_nonpoly_scheme.pdb_mon_id 
_pdbx_nonpoly_scheme.auth_mon_id 
_pdbx_nonpoly_scheme.pdb_strand_id 
_pdbx_nonpoly_scheme.pdb_ins_code 
B 2 MG  1 101 2 MG  MG  A . 
C 3 HOH 1 201 1 HOH HOH A . 
C 3 HOH 2 202 2 HOH HOH A . 
# 
_pdbx_struct_assembly.id                   1 
_pdbx_struct_assembly.details              author_defined_assembly 
_pdbx_struct_assembly.method_details       ? 
_pdbx_struct_assembly.oligomeric_details   dimeric 
_pdbx_struct_assembly.oligomeric_count     2 
# 
_pdbx_struct_assembly_gen.assembly_id       1 
_pdbx_struct_assembly_gen.oper_expression   1,2 
_pdbx_struct_assembly_gen.asym_id_list      A,B,C 
# 
loop_
_pdbx_struct_oper_list.id 
_pdbx_struct_oper_list.type 
_pdbx_struct_oper_list.name 
_pdbx_struct_oper_list.symmetry_operation 
_pdbx_struct_oper_list.matrix[1][1] 
_pdbx_struct_oper_list.matrix[1][2] 
_pdbx_struct_oper_list.matrix[1][3] 
_pdbx_struct_oper_list.vector[1] 
_pdbx_struct_oper_list.matrix[2][1] 
_pdbx_struct_oper_list.matrix[2][2] 
_pdbx_struct_oper_list.matrix[2][3] 
_pdbx_struct_oper_list.vector[2] 
_pdbx_struct_oper_list.matrix[3][1] 
_pdbx_struct_oper_list.matrix[3][2] 
_pdbx_struct_oper_list.matrix[3][3] 
_pdbx_struct_oper_list.vector[3] 
1 'identity operation'         1_555 x,y,z     1.0000000000 0.0000000000  0.0000000000  0.0000000000  0.0000000000  1.0000000000  0.0000000000 0.0000000000  0.0000000000  0.0000000000 1.0000000000  0.0000000000 
2 'crystal symmetry operation' 4_545 -x,-y-1,z 0.6660862587 -0.7165553311 -0.2070689582 -2.3466263942 -0.7165553311 -0.6918217530 0.0890568331 -5.6637329198 -0.2070689582 0.0890568331 -0.9742645057 0.7180990787 
# 
_pdbx_struct_conn_angle.id                    1 
_pdbx_struct_conn_angle.ptnr1_label_atom_id   O 
_pdbx_struct_conn_angle.ptnr1_label_alt_id    ? 
_pdbx_struct_conn_angle.ptnr1_label_asym_id   C 
_pdbx_struct_conn_angle.ptnr1_label_comp_id   HOH 
_pdbx_struct_conn_angle.ptnr1_label_seq_id    . 
_pdbx_struct_conn_angle.ptnr1_auth_atom_id    ? 
_pdbx_struct_conn_angle.ptnr1_auth_asym_id    A 
_pdbx_struct_conn_angle.ptnr1_auth_comp_id    HOH 
_pdbx_struct_conn_angle.ptnr1_auth_seq_id     201 
_pdbx_struct_conn_angle.ptnr1_PDB_ins_code    ? 
_pdbx_struct_conn_angle.ptnr1_symmetry        1_555 
_pdbx_struct_conn_angle.ptnr2_label_atom_id   MG 
_pdbx_struct_conn_angle.ptnr2_label_alt_id    ? 
_pdbx_struct_conn_angle.ptnr2_label_asym_id   B 
_pdbx_struct_conn_angle.ptnr2_label_comp_id   MG 
_pdbx_struct_conn_angle.ptnr2_label_seq_id    . 
_pdbx_struct_conn_angle.ptnr2_auth_atom_id    ? 
_pdbx_struct_conn_angle.ptnr2_auth_asym_id    A 
_pdbx_struct_conn_angle.ptnr2_auth_comp_id    MG 
_pdbx_struct_conn_angle.ptnr2_auth_seq_id     101 
_pdbx_struct_conn_angle.ptnr2_PDB_ins_code    ? 
_pdbx_struct_conn_angle.ptnr2_symmetry        1_555 
_pdbx_struct_conn_angle.ptnr3_label_atom_id   O 
_pdbx_struct_conn_angle.ptnr3_label_alt_id    ? 
_pdbx_struct_conn_angle.ptnr3_label_asym_id   C 
_pdbx_struct_conn_angle.ptnr3_label_comp_id   HOH 
_pdbx_struct_conn_angle.ptnr3_label_seq_id    . 
_pdbx_struct_conn_angle.ptnr3_auth_atom_id    ? 
_pdbx_struct_conn_angle.ptnr3_auth_asym_id    A 
_pdbx_struct_conn_angle.ptnr3_auth_comp_id    HOH 
_pdbx_struct_conn_angle.ptnr3_auth_seq_id     202 
_pdbx_struct_conn_angle.ptnr3_PDB_ins_code    ? 
_pdbx_struct_conn_angle.ptnr3_symmetry        1_555 
_pdbx_struct_conn_angle.value                 68.7 
_pdbx_struct_conn_angle.value_esd             ? 
# 
loop_
_pdbx_audit_revision_history.ordinal 
_pdbx_audit_revision_history.data_content_type 
_pdbx_audit_revision_history.major_revision 
_pdbx_audit_revision_history.minor_revision 
_pdbx_audit_revision_history.revision_date 
1 'Structure model' 1 0 2015-06-17 
2 'Structure model' 1 1 2015-09-09 
3 'Structure model' 1 2 2023-09-20 
# 
_pdbx_audit_revision_details.ordinal             1 
_pdbx_audit_revision_details.revision_ordinal    1 
_pdbx_audit_revision_details.data_content_type   'Structure model' 
_pdbx_audit_revision_details.provider            repository 
_pdbx_audit_revision_details.type                'Initial release' 
_pdbx_audit_revision_details.description         ? 
_pdbx_audit_revision_details.details             ? 
# 
loop_
_pdbx_audit_revision_group.ordinal 
_pdbx_audit_revision_group.revision_ordinal 
_pdbx_audit_revision_group.data_content_type 
_pdbx_audit_revision_group.group 
1 2 'Structure model' 'Database references'    
2 3 'Structure model' 'Data collection'        
3 3 'Structure model' 'Database references'    
4 3 'Structure model' 'Derived calculations'   
5 3 'Structure model' 'Refinement description' 
# 
loop_
_pdbx_audit_revision_category.ordinal 
_pdbx_audit_revision_category.revision_ordinal 
_pdbx_audit_revision_category.data_content_type 
_pdbx_audit_revision_category.category 
1 3 'Structure model' chem_comp_atom                
2 3 'Structure model' chem_comp_bond                
3 3 'Structure model' database_2                    
4 3 'Structure model' pdbx_initial_refinement_model 
5 3 'Structure model' pdbx_struct_conn_angle        
6 3 'Structure model' struct_conn                   
7 3 'Structure model' struct_site                   
# 
loop_
_pdbx_audit_revision_item.ordinal 
_pdbx_audit_revision_item.revision_ordinal 
_pdbx_audit_revision_item.data_content_type 
_pdbx_audit_revision_item.item 
1 3 'Structure model' '_database_2.pdbx_DOI'                      
2 3 'Structure model' '_database_2.pdbx_database_accession'       
3 3 'Structure model' '_pdbx_struct_conn_angle.ptnr1_auth_seq_id' 
4 3 'Structure model' '_pdbx_struct_conn_angle.ptnr3_auth_seq_id' 
5 3 'Structure model' '_struct_conn.pdbx_dist_value'              
6 3 'Structure model' '_struct_conn.ptnr2_auth_seq_id'            
7 3 'Structure model' '_struct_site.pdbx_auth_asym_id'            
8 3 'Structure model' '_struct_site.pdbx_auth_comp_id'            
9 3 'Structure model' '_struct_site.pdbx_auth_seq_id'             
# 
_pdbx_refine_tls.pdbx_refine_id   'X-RAY DIFFRACTION' 
_pdbx_refine_tls.id               1 
_pdbx_refine_tls.details          ? 
_pdbx_refine_tls.method           refined 
_pdbx_refine_tls.origin_x         0.0174 
_pdbx_refine_tls.origin_y         -0.1064 
_pdbx_refine_tls.origin_z         -0.0980 
_pdbx_refine_tls.T[1][1]          0.2214 
_pdbx_refine_tls.T[2][2]          0.1208 
_pdbx_refine_tls.T[3][3]          0.3474 
_pdbx_refine_tls.T[1][2]          -0.0459 
_pdbx_refine_tls.T[1][3]          -0.0092 
_pdbx_refine_tls.T[2][3]          -0.0741 
_pdbx_refine_tls.L[1][1]          10.1950 
_pdbx_refine_tls.L[2][2]          3.4643 
_pdbx_refine_tls.L[3][3]          0.8595 
_pdbx_refine_tls.L[1][2]          -0.4731 
_pdbx_refine_tls.L[1][3]          -1.1370 
_pdbx_refine_tls.L[2][3]          0.4349 
_pdbx_refine_tls.S[1][1]          -0.2132 
_pdbx_refine_tls.S[1][2]          0.1089 
_pdbx_refine_tls.S[1][3]          -1.0708 
_pdbx_refine_tls.S[2][1]          0.0050 
_pdbx_refine_tls.S[2][2]          0.0124 
_pdbx_refine_tls.S[2][3]          -0.7629 
_pdbx_refine_tls.S[3][1]          -0.0690 
_pdbx_refine_tls.S[3][2]          -0.2602 
_pdbx_refine_tls.S[3][3]          0.2009 
# 
_pdbx_refine_tls_group.pdbx_refine_id      'X-RAY DIFFRACTION' 
_pdbx_refine_tls_group.id                  1 
_pdbx_refine_tls_group.refine_tls_id       1 
_pdbx_refine_tls_group.beg_auth_asym_id    A 
_pdbx_refine_tls_group.beg_auth_seq_id     1 
_pdbx_refine_tls_group.beg_label_asym_id   ? 
_pdbx_refine_tls_group.beg_label_seq_id    ? 
_pdbx_refine_tls_group.end_auth_asym_id    A 
_pdbx_refine_tls_group.end_auth_seq_id     13 
_pdbx_refine_tls_group.end_label_asym_id   ? 
_pdbx_refine_tls_group.end_label_seq_id    ? 
_pdbx_refine_tls_group.selection           ? 
_pdbx_refine_tls_group.selection_details   ? 
# 
_software.name             REFMAC 
_software.classification   refinement 
_software.version          5.8.0073 
_software.citation_id      ? 
_software.pdbx_ordinal     1 
# 
_pdbx_validate_rmsd_bond.id                        1 
_pdbx_validate_rmsd_bond.PDB_model_num             1 
_pdbx_validate_rmsd_bond.auth_atom_id_1            "O3'" 
_pdbx_validate_rmsd_bond.auth_asym_id_1            A 
_pdbx_validate_rmsd_bond.auth_comp_id_1            DG 
_pdbx_validate_rmsd_bond.auth_seq_id_1             11 
_pdbx_validate_rmsd_bond.PDB_ins_code_1            ? 
_pdbx_validate_rmsd_bond.label_alt_id_1            ? 
_pdbx_validate_rmsd_bond.auth_atom_id_2            P 
_pdbx_validate_rmsd_bond.auth_asym_id_2            A 
_pdbx_validate_rmsd_bond.auth_comp_id_2            DA 
_pdbx_validate_rmsd_bond.auth_seq_id_2             12 
_pdbx_validate_rmsd_bond.PDB_ins_code_2            ? 
_pdbx_validate_rmsd_bond.label_alt_id_2            ? 
_pdbx_validate_rmsd_bond.bond_value                1.527 
_pdbx_validate_rmsd_bond.bond_target_value         1.607 
_pdbx_validate_rmsd_bond.bond_deviation            -0.080 
_pdbx_validate_rmsd_bond.bond_standard_deviation   0.012 
_pdbx_validate_rmsd_bond.linker_flag               Y 
# 
loop_
_pdbx_unobs_or_zero_occ_atoms.id 
_pdbx_unobs_or_zero_occ_atoms.PDB_model_num 
_pdbx_unobs_or_zero_occ_atoms.polymer_flag 
_pdbx_unobs_or_zero_occ_atoms.occupancy_flag 
_pdbx_unobs_or_zero_occ_atoms.auth_asym_id 
_pdbx_unobs_or_zero_occ_atoms.auth_comp_id 
_pdbx_unobs_or_zero_occ_atoms.auth_seq_id 
_pdbx_unobs_or_zero_occ_atoms.PDB_ins_code 
_pdbx_unobs_or_zero_occ_atoms.auth_atom_id 
_pdbx_unobs_or_zero_occ_atoms.label_alt_id 
_pdbx_unobs_or_zero_occ_atoms.label_asym_id 
_pdbx_unobs_or_zero_occ_atoms.label_comp_id 
_pdbx_unobs_or_zero_occ_atoms.label_seq_id 
_pdbx_unobs_or_zero_occ_atoms.label_atom_id 
1  1 Y 1 A DG 13 ? "C5'" ? A DG 13 "C5'" 
2  1 Y 1 A DG 13 ? "C4'" ? A DG 13 "C4'" 
3  1 Y 1 A DG 13 ? "O4'" ? A DG 13 "O4'" 
4  1 Y 1 A DG 13 ? "C3'" ? A DG 13 "C3'" 
5  1 Y 1 A DG 13 ? "O3'" ? A DG 13 "O3'" 
6  1 Y 1 A DG 13 ? "C2'" ? A DG 13 "C2'" 
7  1 Y 1 A DG 13 ? "C1'" ? A DG 13 "C1'" 
8  1 Y 1 A DG 13 ? N9    ? A DG 13 N9    
9  1 Y 1 A DG 13 ? C8    ? A DG 13 C8    
10 1 Y 1 A DG 13 ? N7    ? A DG 13 N7    
11 1 Y 1 A DG 13 ? C5    ? A DG 13 C5    
12 1 Y 1 A DG 13 ? C6    ? A DG 13 C6    
13 1 Y 1 A DG 13 ? O6    ? A DG 13 O6    
14 1 Y 1 A DG 13 ? N1    ? A DG 13 N1    
15 1 Y 1 A DG 13 ? C2    ? A DG 13 C2    
16 1 Y 1 A DG 13 ? N2    ? A DG 13 N2    
17 1 Y 1 A DG 13 ? N3    ? A DG 13 N3    
18 1 Y 1 A DG 13 ? C4    ? A DG 13 C4    
# 
loop_
_chem_comp_atom.comp_id 
_chem_comp_atom.atom_id 
_chem_comp_atom.type_symbol 
_chem_comp_atom.pdbx_aromatic_flag 
_chem_comp_atom.pdbx_stereo_config 
_chem_comp_atom.pdbx_ordinal 
DA  OP3    O  N N 1   
DA  P      P  N N 2   
DA  OP1    O  N N 3   
DA  OP2    O  N N 4   
DA  "O5'"  O  N N 5   
DA  "C5'"  C  N N 6   
DA  "C4'"  C  N R 7   
DA  "O4'"  O  N N 8   
DA  "C3'"  C  N S 9   
DA  "O3'"  O  N N 10  
DA  "C2'"  C  N N 11  
DA  "C1'"  C  N R 12  
DA  N9     N  Y N 13  
DA  C8     C  Y N 14  
DA  N7     N  Y N 15  
DA  C5     C  Y N 16  
DA  C6     C  Y N 17  
DA  N6     N  N N 18  
DA  N1     N  Y N 19  
DA  C2     C  Y N 20  
DA  N3     N  Y N 21  
DA  C4     C  Y N 22  
DA  HOP3   H  N N 23  
DA  HOP2   H  N N 24  
DA  "H5'"  H  N N 25  
DA  "H5''" H  N N 26  
DA  "H4'"  H  N N 27  
DA  "H3'"  H  N N 28  
DA  "HO3'" H  N N 29  
DA  "H2'"  H  N N 30  
DA  "H2''" H  N N 31  
DA  "H1'"  H  N N 32  
DA  H8     H  N N 33  
DA  H61    H  N N 34  
DA  H62    H  N N 35  
DA  H2     H  N N 36  
DC  OP3    O  N N 37  
DC  P      P  N N 38  
DC  OP1    O  N N 39  
DC  OP2    O  N N 40  
DC  "O5'"  O  N N 41  
DC  "C5'"  C  N N 42  
DC  "C4'"  C  N R 43  
DC  "O4'"  O  N N 44  
DC  "C3'"  C  N S 45  
DC  "O3'"  O  N N 46  
DC  "C2'"  C  N N 47  
DC  "C1'"  C  N R 48  
DC  N1     N  N N 49  
DC  C2     C  N N 50  
DC  O2     O  N N 51  
DC  N3     N  N N 52  
DC  C4     C  N N 53  
DC  N4     N  N N 54  
DC  C5     C  N N 55  
DC  C6     C  N N 56  
DC  HOP3   H  N N 57  
DC  HOP2   H  N N 58  
DC  "H5'"  H  N N 59  
DC  "H5''" H  N N 60  
DC  "H4'"  H  N N 61  
DC  "H3'"  H  N N 62  
DC  "HO3'" H  N N 63  
DC  "H2'"  H  N N 64  
DC  "H2''" H  N N 65  
DC  "H1'"  H  N N 66  
DC  H41    H  N N 67  
DC  H42    H  N N 68  
DC  H5     H  N N 69  
DC  H6     H  N N 70  
DG  OP3    O  N N 71  
DG  P      P  N N 72  
DG  OP1    O  N N 73  
DG  OP2    O  N N 74  
DG  "O5'"  O  N N 75  
DG  "C5'"  C  N N 76  
DG  "C4'"  C  N R 77  
DG  "O4'"  O  N N 78  
DG  "C3'"  C  N S 79  
DG  "O3'"  O  N N 80  
DG  "C2'"  C  N N 81  
DG  "C1'"  C  N R 82  
DG  N9     N  Y N 83  
DG  C8     C  Y N 84  
DG  N7     N  Y N 85  
DG  C5     C  Y N 86  
DG  C6     C  N N 87  
DG  O6     O  N N 88  
DG  N1     N  N N 89  
DG  C2     C  N N 90  
DG  N2     N  N N 91  
DG  N3     N  N N 92  
DG  C4     C  Y N 93  
DG  HOP3   H  N N 94  
DG  HOP2   H  N N 95  
DG  "H5'"  H  N N 96  
DG  "H5''" H  N N 97  
DG  "H4'"  H  N N 98  
DG  "H3'"  H  N N 99  
DG  "HO3'" H  N N 100 
DG  "H2'"  H  N N 101 
DG  "H2''" H  N N 102 
DG  "H1'"  H  N N 103 
DG  H8     H  N N 104 
DG  H1     H  N N 105 
DG  H21    H  N N 106 
DG  H22    H  N N 107 
DT  OP3    O  N N 108 
DT  P      P  N N 109 
DT  OP1    O  N N 110 
DT  OP2    O  N N 111 
DT  "O5'"  O  N N 112 
DT  "C5'"  C  N N 113 
DT  "C4'"  C  N R 114 
DT  "O4'"  O  N N 115 
DT  "C3'"  C  N S 116 
DT  "O3'"  O  N N 117 
DT  "C2'"  C  N N 118 
DT  "C1'"  C  N R 119 
DT  N1     N  N N 120 
DT  C2     C  N N 121 
DT  O2     O  N N 122 
DT  N3     N  N N 123 
DT  C4     C  N N 124 
DT  O4     O  N N 125 
DT  C5     C  N N 126 
DT  C7     C  N N 127 
DT  C6     C  N N 128 
DT  HOP3   H  N N 129 
DT  HOP2   H  N N 130 
DT  "H5'"  H  N N 131 
DT  "H5''" H  N N 132 
DT  "H4'"  H  N N 133 
DT  "H3'"  H  N N 134 
DT  "HO3'" H  N N 135 
DT  "H2'"  H  N N 136 
DT  "H2''" H  N N 137 
DT  "H1'"  H  N N 138 
DT  H3     H  N N 139 
DT  H71    H  N N 140 
DT  H72    H  N N 141 
DT  H73    H  N N 142 
DT  H6     H  N N 143 
HOH O      O  N N 144 
HOH H1     H  N N 145 
HOH H2     H  N N 146 
MG  MG     MG N N 147 
# 
loop_
_chem_comp_bond.comp_id 
_chem_comp_bond.atom_id_1 
_chem_comp_bond.atom_id_2 
_chem_comp_bond.value_order 
_chem_comp_bond.pdbx_aromatic_flag 
_chem_comp_bond.pdbx_stereo_config 
_chem_comp_bond.pdbx_ordinal 
DA  OP3   P      sing N N 1   
DA  OP3   HOP3   sing N N 2   
DA  P     OP1    doub N N 3   
DA  P     OP2    sing N N 4   
DA  P     "O5'"  sing N N 5   
DA  OP2   HOP2   sing N N 6   
DA  "O5'" "C5'"  sing N N 7   
DA  "C5'" "C4'"  sing N N 8   
DA  "C5'" "H5'"  sing N N 9   
DA  "C5'" "H5''" sing N N 10  
DA  "C4'" "O4'"  sing N N 11  
DA  "C4'" "C3'"  sing N N 12  
DA  "C4'" "H4'"  sing N N 13  
DA  "O4'" "C1'"  sing N N 14  
DA  "C3'" "O3'"  sing N N 15  
DA  "C3'" "C2'"  sing N N 16  
DA  "C3'" "H3'"  sing N N 17  
DA  "O3'" "HO3'" sing N N 18  
DA  "C2'" "C1'"  sing N N 19  
DA  "C2'" "H2'"  sing N N 20  
DA  "C2'" "H2''" sing N N 21  
DA  "C1'" N9     sing N N 22  
DA  "C1'" "H1'"  sing N N 23  
DA  N9    C8     sing Y N 24  
DA  N9    C4     sing Y N 25  
DA  C8    N7     doub Y N 26  
DA  C8    H8     sing N N 27  
DA  N7    C5     sing Y N 28  
DA  C5    C6     sing Y N 29  
DA  C5    C4     doub Y N 30  
DA  C6    N6     sing N N 31  
DA  C6    N1     doub Y N 32  
DA  N6    H61    sing N N 33  
DA  N6    H62    sing N N 34  
DA  N1    C2     sing Y N 35  
DA  C2    N3     doub Y N 36  
DA  C2    H2     sing N N 37  
DA  N3    C4     sing Y N 38  
DC  OP3   P      sing N N 39  
DC  OP3   HOP3   sing N N 40  
DC  P     OP1    doub N N 41  
DC  P     OP2    sing N N 42  
DC  P     "O5'"  sing N N 43  
DC  OP2   HOP2   sing N N 44  
DC  "O5'" "C5'"  sing N N 45  
DC  "C5'" "C4'"  sing N N 46  
DC  "C5'" "H5'"  sing N N 47  
DC  "C5'" "H5''" sing N N 48  
DC  "C4'" "O4'"  sing N N 49  
DC  "C4'" "C3'"  sing N N 50  
DC  "C4'" "H4'"  sing N N 51  
DC  "O4'" "C1'"  sing N N 52  
DC  "C3'" "O3'"  sing N N 53  
DC  "C3'" "C2'"  sing N N 54  
DC  "C3'" "H3'"  sing N N 55  
DC  "O3'" "HO3'" sing N N 56  
DC  "C2'" "C1'"  sing N N 57  
DC  "C2'" "H2'"  sing N N 58  
DC  "C2'" "H2''" sing N N 59  
DC  "C1'" N1     sing N N 60  
DC  "C1'" "H1'"  sing N N 61  
DC  N1    C2     sing N N 62  
DC  N1    C6     sing N N 63  
DC  C2    O2     doub N N 64  
DC  C2    N3     sing N N 65  
DC  N3    C4     doub N N 66  
DC  C4    N4     sing N N 67  
DC  C4    C5     sing N N 68  
DC  N4    H41    sing N N 69  
DC  N4    H42    sing N N 70  
DC  C5    C6     doub N N 71  
DC  C5    H5     sing N N 72  
DC  C6    H6     sing N N 73  
DG  OP3   P      sing N N 74  
DG  OP3   HOP3   sing N N 75  
DG  P     OP1    doub N N 76  
DG  P     OP2    sing N N 77  
DG  P     "O5'"  sing N N 78  
DG  OP2   HOP2   sing N N 79  
DG  "O5'" "C5'"  sing N N 80  
DG  "C5'" "C4'"  sing N N 81  
DG  "C5'" "H5'"  sing N N 82  
DG  "C5'" "H5''" sing N N 83  
DG  "C4'" "O4'"  sing N N 84  
DG  "C4'" "C3'"  sing N N 85  
DG  "C4'" "H4'"  sing N N 86  
DG  "O4'" "C1'"  sing N N 87  
DG  "C3'" "O3'"  sing N N 88  
DG  "C3'" "C2'"  sing N N 89  
DG  "C3'" "H3'"  sing N N 90  
DG  "O3'" "HO3'" sing N N 91  
DG  "C2'" "C1'"  sing N N 92  
DG  "C2'" "H2'"  sing N N 93  
DG  "C2'" "H2''" sing N N 94  
DG  "C1'" N9     sing N N 95  
DG  "C1'" "H1'"  sing N N 96  
DG  N9    C8     sing Y N 97  
DG  N9    C4     sing Y N 98  
DG  C8    N7     doub Y N 99  
DG  C8    H8     sing N N 100 
DG  N7    C5     sing Y N 101 
DG  C5    C6     sing N N 102 
DG  C5    C4     doub Y N 103 
DG  C6    O6     doub N N 104 
DG  C6    N1     sing N N 105 
DG  N1    C2     sing N N 106 
DG  N1    H1     sing N N 107 
DG  C2    N2     sing N N 108 
DG  C2    N3     doub N N 109 
DG  N2    H21    sing N N 110 
DG  N2    H22    sing N N 111 
DG  N3    C4     sing N N 112 
DT  OP3   P      sing N N 113 
DT  OP3   HOP3   sing N N 114 
DT  P     OP1    doub N N 115 
DT  P     OP2    sing N N 116 
DT  P     "O5'"  sing N N 117 
DT  OP2   HOP2   sing N N 118 
DT  "O5'" "C5'"  sing N N 119 
DT  "C5'" "C4'"  sing N N 120 
DT  "C5'" "H5'"  sing N N 121 
DT  "C5'" "H5''" sing N N 122 
DT  "C4'" "O4'"  sing N N 123 
DT  "C4'" "C3'"  sing N N 124 
DT  "C4'" "H4'"  sing N N 125 
DT  "O4'" "C1'"  sing N N 126 
DT  "C3'" "O3'"  sing N N 127 
DT  "C3'" "C2'"  sing N N 128 
DT  "C3'" "H3'"  sing N N 129 
DT  "O3'" "HO3'" sing N N 130 
DT  "C2'" "C1'"  sing N N 131 
DT  "C2'" "H2'"  sing N N 132 
DT  "C2'" "H2''" sing N N 133 
DT  "C1'" N1     sing N N 134 
DT  "C1'" "H1'"  sing N N 135 
DT  N1    C2     sing N N 136 
DT  N1    C6     sing N N 137 
DT  C2    O2     doub N N 138 
DT  C2    N3     sing N N 139 
DT  N3    C4     sing N N 140 
DT  N3    H3     sing N N 141 
DT  C4    O4     doub N N 142 
DT  C4    C5     sing N N 143 
DT  C5    C7     sing N N 144 
DT  C5    C6     doub N N 145 
DT  C7    H71    sing N N 146 
DT  C7    H72    sing N N 147 
DT  C7    H73    sing N N 148 
DT  C6    H6     sing N N 149 
HOH O     H1     sing N N 150 
HOH O     H2     sing N N 151 
# 
_ndb_struct_conf_na.entry_id   4RON 
_ndb_struct_conf_na.feature    'b-form double helix' 
# 
loop_
_ndb_struct_na_base_pair.model_number 
_ndb_struct_na_base_pair.i_label_asym_id 
_ndb_struct_na_base_pair.i_label_comp_id 
_ndb_struct_na_base_pair.i_label_seq_id 
_ndb_struct_na_base_pair.i_symmetry 
_ndb_struct_na_base_pair.j_label_asym_id 
_ndb_struct_na_base_pair.j_label_comp_id 
_ndb_struct_na_base_pair.j_label_seq_id 
_ndb_struct_na_base_pair.j_symmetry 
_ndb_struct_na_base_pair.shear 
_ndb_struct_na_base_pair.stretch 
_ndb_struct_na_base_pair.stagger 
_ndb_struct_na_base_pair.buckle 
_ndb_struct_na_base_pair.propeller 
_ndb_struct_na_base_pair.opening 
_ndb_struct_na_base_pair.pair_number 
_ndb_struct_na_base_pair.pair_name 
_ndb_struct_na_base_pair.i_auth_asym_id 
_ndb_struct_na_base_pair.i_auth_seq_id 
_ndb_struct_na_base_pair.i_PDB_ins_code 
_ndb_struct_na_base_pair.j_auth_asym_id 
_ndb_struct_na_base_pair.j_auth_seq_id 
_ndb_struct_na_base_pair.j_PDB_ins_code 
_ndb_struct_na_base_pair.hbond_type_28 
_ndb_struct_na_base_pair.hbond_type_12 
1 A DC 4 1_555 A DG 9 4_545 0.376  -0.254 0.136 0.800  -12.918 0.766  1 A_DC4:DG9_A A 4 ? A 9 ? 19 1 
1 A DC 5 1_555 A DG 8 4_545 -0.549 -0.083 0.098 1.924  -18.282 0.415  2 A_DC5:DG8_A A 5 ? A 8 ? 19 1 
1 A DA 6 1_555 A DT 7 4_545 -0.494 0.243  0.216 -2.272 -6.508  -0.997 3 A_DA6:DT7_A A 6 ? A 7 ? 20 1 
1 A DT 7 1_555 A DA 6 4_545 0.494  0.243  0.216 2.272  -6.508  -0.997 4 A_DT7:DA6_A A 7 ? A 6 ? 20 1 
1 A DG 8 1_555 A DC 5 4_545 0.549  -0.083 0.098 -1.924 -18.282 0.415  5 A_DG8:DC5_A A 8 ? A 5 ? 19 1 
1 A DG 9 1_555 A DC 4 4_545 -0.376 -0.254 0.136 -0.800 -12.918 0.766  6 A_DG9:DC4_A A 9 ? A 4 ? 19 1 
# 
loop_
_ndb_struct_na_base_pair_step.model_number 
_ndb_struct_na_base_pair_step.i_label_asym_id_1 
_ndb_struct_na_base_pair_step.i_label_comp_id_1 
_ndb_struct_na_base_pair_step.i_label_seq_id_1 
_ndb_struct_na_base_pair_step.i_symmetry_1 
_ndb_struct_na_base_pair_step.j_label_asym_id_1 
_ndb_struct_na_base_pair_step.j_label_comp_id_1 
_ndb_struct_na_base_pair_step.j_label_seq_id_1 
_ndb_struct_na_base_pair_step.j_symmetry_1 
_ndb_struct_na_base_pair_step.i_label_asym_id_2 
_ndb_struct_na_base_pair_step.i_label_comp_id_2 
_ndb_struct_na_base_pair_step.i_label_seq_id_2 
_ndb_struct_na_base_pair_step.i_symmetry_2 
_ndb_struct_na_base_pair_step.j_label_asym_id_2 
_ndb_struct_na_base_pair_step.j_label_comp_id_2 
_ndb_struct_na_base_pair_step.j_label_seq_id_2 
_ndb_struct_na_base_pair_step.j_symmetry_2 
_ndb_struct_na_base_pair_step.shift 
_ndb_struct_na_base_pair_step.slide 
_ndb_struct_na_base_pair_step.rise 
_ndb_struct_na_base_pair_step.tilt 
_ndb_struct_na_base_pair_step.roll 
_ndb_struct_na_base_pair_step.twist 
_ndb_struct_na_base_pair_step.x_displacement 
_ndb_struct_na_base_pair_step.y_displacement 
_ndb_struct_na_base_pair_step.helical_rise 
_ndb_struct_na_base_pair_step.inclination 
_ndb_struct_na_base_pair_step.tip 
_ndb_struct_na_base_pair_step.helical_twist 
_ndb_struct_na_base_pair_step.step_number 
_ndb_struct_na_base_pair_step.step_name 
_ndb_struct_na_base_pair_step.i_auth_asym_id_1 
_ndb_struct_na_base_pair_step.i_auth_seq_id_1 
_ndb_struct_na_base_pair_step.i_PDB_ins_code_1 
_ndb_struct_na_base_pair_step.j_auth_asym_id_1 
_ndb_struct_na_base_pair_step.j_auth_seq_id_1 
_ndb_struct_na_base_pair_step.j_PDB_ins_code_1 
_ndb_struct_na_base_pair_step.i_auth_asym_id_2 
_ndb_struct_na_base_pair_step.i_auth_seq_id_2 
_ndb_struct_na_base_pair_step.i_PDB_ins_code_2 
_ndb_struct_na_base_pair_step.j_auth_asym_id_2 
_ndb_struct_na_base_pair_step.j_auth_seq_id_2 
_ndb_struct_na_base_pair_step.j_PDB_ins_code_2 
1 A DC 4 1_555 A DG 9 4_545 A DC 5 1_555 A DG 8 4_545 -0.338 0.242  3.290 3.427  -0.125 33.214 0.443  1.156  3.239 -0.219 -5.975 
33.386 1 AA_DC4DC5:DG8DG9_AA A 4 ? A 9 ? A 5 ? A 8 ? 
1 A DC 5 1_555 A DG 8 4_545 A DA 6 1_555 A DT 7 4_545 0.179  1.189  3.492 -3.412 5.892  39.085 1.002  -0.699 3.599 8.726  5.053  
39.651 2 AA_DC5DA6:DT7DG8_AA A 5 ? A 8 ? A 6 ? A 7 ? 
1 A DA 6 1_555 A DT 7 4_545 A DT 7 1_555 A DA 6 4_545 0.000  -0.563 3.269 0.000  1.686  33.179 -1.265 0.000  3.237 2.950  0.000  
33.220 3 AA_DA6DT7:DA6DT7_AA A 6 ? A 7 ? A 7 ? A 6 ? 
1 A DT 7 1_555 A DA 6 4_545 A DG 8 1_555 A DC 5 4_545 -0.179 1.189  3.492 3.412  5.892  39.085 1.002  0.699  3.599 8.726  -5.053 
39.651 4 AA_DT7DG8:DC5DA6_AA A 7 ? A 6 ? A 8 ? A 5 ? 
1 A DG 8 1_555 A DC 5 4_545 A DG 9 1_555 A DC 4 4_545 0.338  0.242  3.290 -3.427 -0.125 33.214 0.443  -1.156 3.239 -0.219 5.975  
33.386 5 AA_DG8DG9:DC4DC5_AA A 8 ? A 5 ? A 9 ? A 4 ? 
# 
loop_
_pdbx_entity_nonpoly.entity_id 
_pdbx_entity_nonpoly.name 
_pdbx_entity_nonpoly.comp_id 
2 'MAGNESIUM ION' MG  
3 water           HOH 
# 
_pdbx_initial_refinement_model.id               1 
_pdbx_initial_refinement_model.entity_id_list   ? 
_pdbx_initial_refinement_model.type             'experimental model' 
_pdbx_initial_refinement_model.source_name      PDB 
_pdbx_initial_refinement_model.accession_code   1P1Y 
_pdbx_initial_refinement_model.details          'PDB ENTRY 1p1y' 
# 
